data_4IZA
#
_entry.id   4IZA
#
_cell.length_a   73.758
_cell.length_b   204.024
_cell.length_c   61.135
_cell.angle_alpha   90.00
_cell.angle_beta   90.00
_cell.angle_gamma   90.00
#
_symmetry.space_group_name_H-M   'P 21 21 2'
#
loop_
_entity.id
_entity.type
_entity.pdbx_description
1 polymer 'Mitogen-activated protein kinase 1'
2 polymer 'Astrocytic phosphoprotein PEA-15'
3 water water
#
loop_
_entity_poly.entity_id
_entity_poly.type
_entity_poly.pdbx_seq_one_letter_code
_entity_poly.pdbx_strand_id
1 'polypeptide(L)'
;GPGGAGPEMVRGQVFDVGPRYTNLSYIGEGAYGMVCSAYDNVNKVRVAIKKISPFEHQTYCQRTLREIKILLRFRHENII
GINDIIRAPTIEQMKDVYIVQDLMETDLYKLLKTQHLSNDHICYFLYQILRGLKYIHSANVLHRDLKPSNLLLNTTCDLK
ICDFGLARVADPDHDHTGFL(TPO)E(PTR)VATRWYRAPEIMLNSKGYTKSIDIWSVGCILAEMLSNRPIFPGKHYLDQ
LNHILGILGSPSQEDLNCIINLKARNYLLSLPHKNKVPWNRLFPNADSKALDLLDKMLTFNPHKRIEVEQALAHPYLEQY
YDPSDEPIAEAPFKFDMELDDLPKEKLKELIFEETARFQPGYRS
;
A,C
2 'polypeptide(L)'
;GMAEYGTLLQDLTNNITLEDLEQLKSACKEDIPSEKSEEITTGSAWFSFLESHNKLDKDNLSYIEHIFEISRRPDLLTMV
VDYRTRVLKISEEDELD
;
B
#
# COMPACT_ATOMS: atom_id res chain seq x y z
N PRO A 7 -42.83 -20.47 -20.67
CA PRO A 7 -42.01 -19.30 -20.29
C PRO A 7 -41.90 -18.27 -21.41
N GLU A 8 -42.22 -17.01 -21.10
CA GLU A 8 -42.10 -15.92 -22.08
C GLU A 8 -40.69 -15.79 -22.64
N MET A 9 -40.59 -15.39 -23.90
CA MET A 9 -39.31 -15.28 -24.60
C MET A 9 -39.19 -13.91 -25.27
N VAL A 10 -37.96 -13.40 -25.35
CA VAL A 10 -37.67 -12.17 -26.07
C VAL A 10 -36.30 -12.25 -26.72
N ARG A 11 -36.27 -11.93 -28.02
CA ARG A 11 -35.04 -12.03 -28.81
C ARG A 11 -34.38 -13.41 -28.64
N GLY A 12 -35.22 -14.44 -28.56
CA GLY A 12 -34.77 -15.82 -28.38
C GLY A 12 -34.15 -16.15 -27.04
N GLN A 13 -34.37 -15.27 -26.05
CA GLN A 13 -33.90 -15.47 -24.69
C GLN A 13 -35.07 -15.67 -23.74
N VAL A 14 -34.89 -16.56 -22.77
CA VAL A 14 -35.90 -16.74 -21.75
C VAL A 14 -36.04 -15.44 -20.95
N PHE A 15 -37.28 -15.05 -20.71
CA PHE A 15 -37.58 -13.89 -19.87
C PHE A 15 -38.81 -14.24 -19.07
N ASP A 16 -38.57 -15.08 -18.06
CA ASP A 16 -39.60 -15.85 -17.36
C ASP A 16 -40.20 -15.13 -16.17
N VAL A 17 -41.09 -14.18 -16.48
CA VAL A 17 -41.69 -13.28 -15.51
C VAL A 17 -43.20 -13.43 -15.47
N GLY A 18 -43.76 -14.25 -16.34
CA GLY A 18 -45.22 -14.43 -16.35
C GLY A 18 -45.62 -15.44 -15.27
N PRO A 19 -46.93 -15.52 -14.93
CA PRO A 19 -48.05 -14.79 -15.53
C PRO A 19 -48.25 -13.37 -15.00
N ARG A 20 -47.56 -12.98 -13.93
CA ARG A 20 -47.77 -11.63 -13.41
C ARG A 20 -47.40 -10.55 -14.41
N TYR A 21 -46.27 -10.75 -15.11
CA TYR A 21 -45.71 -9.73 -16.00
C TYR A 21 -45.75 -10.27 -17.43
N THR A 22 -46.46 -9.56 -18.29
CA THR A 22 -46.69 -10.02 -19.65
C THR A 22 -46.49 -8.89 -20.66
N ASN A 23 -46.72 -9.20 -21.94
CA ASN A 23 -46.66 -8.22 -23.00
C ASN A 23 -45.30 -7.49 -23.01
N LEU A 24 -44.23 -8.28 -23.05
CA LEU A 24 -42.87 -7.79 -22.91
C LEU A 24 -42.40 -6.94 -24.09
N SER A 25 -41.50 -6.01 -23.80
CA SER A 25 -40.87 -5.19 -24.82
C SER A 25 -39.39 -5.00 -24.47
N TYR A 26 -38.52 -5.43 -25.38
CA TYR A 26 -37.08 -5.32 -25.20
C TYR A 26 -36.65 -3.86 -25.15
N ILE A 27 -35.89 -3.47 -24.13
CA ILE A 27 -35.37 -2.10 -24.03
C ILE A 27 -33.93 -2.05 -24.43
N GLY A 28 -33.11 -2.89 -23.81
CA GLY A 28 -31.67 -2.88 -24.07
C GLY A 28 -30.93 -3.93 -23.26
N GLU A 29 -29.61 -3.97 -23.46
CA GLU A 29 -28.77 -5.09 -23.06
C GLU A 29 -27.45 -4.54 -22.54
N GLY A 30 -26.84 -5.26 -21.61
CA GLY A 30 -25.55 -4.84 -21.03
C GLY A 30 -24.78 -6.09 -20.67
N ALA A 31 -23.63 -5.91 -20.02
CA ALA A 31 -22.90 -7.05 -19.44
C ALA A 31 -23.85 -7.71 -18.45
N TYR A 32 -24.04 -9.02 -18.64
CA TYR A 32 -24.83 -9.94 -17.78
C TYR A 32 -26.31 -9.64 -17.48
N GLY A 33 -26.91 -8.67 -18.18
CA GLY A 33 -28.33 -8.31 -17.95
C GLY A 33 -29.15 -7.60 -19.04
N MET A 34 -30.30 -8.18 -19.42
CA MET A 34 -31.18 -7.50 -20.37
C MET A 34 -32.38 -6.88 -19.68
N VAL A 35 -32.83 -5.74 -20.23
CA VAL A 35 -33.93 -4.96 -19.67
C VAL A 35 -35.13 -5.01 -20.63
N CYS A 36 -36.31 -5.33 -20.09
CA CYS A 36 -37.58 -5.24 -20.83
C CYS A 36 -38.54 -4.38 -20.05
N SER A 37 -39.57 -3.85 -20.71
CA SER A 37 -40.70 -3.32 -19.98
C SER A 37 -41.74 -4.42 -20.08
N ALA A 38 -42.72 -4.35 -19.18
CA ALA A 38 -43.69 -5.42 -19.05
C ALA A 38 -44.94 -4.86 -18.42
N TYR A 39 -46.08 -5.49 -18.71
CA TYR A 39 -47.34 -5.08 -18.11
C TYR A 39 -47.51 -5.84 -16.81
N ASP A 40 -47.73 -5.11 -15.73
CA ASP A 40 -47.86 -5.73 -14.43
C ASP A 40 -49.38 -5.97 -14.24
N ASN A 41 -49.81 -7.22 -14.31
CA ASN A 41 -51.25 -7.58 -14.24
C ASN A 41 -51.91 -7.37 -12.87
N VAL A 42 -51.09 -7.14 -11.85
CA VAL A 42 -51.60 -6.81 -10.51
C VAL A 42 -51.82 -5.30 -10.39
N ASN A 43 -50.77 -4.52 -10.66
CA ASN A 43 -50.85 -3.07 -10.46
C ASN A 43 -51.42 -2.29 -11.67
N LYS A 44 -51.67 -2.99 -12.78
CA LYS A 44 -52.27 -2.44 -14.02
C LYS A 44 -51.47 -1.30 -14.63
N VAL A 45 -50.13 -1.41 -14.56
CA VAL A 45 -49.21 -0.43 -15.18
C VAL A 45 -48.00 -1.15 -15.80
N ARG A 46 -47.35 -0.50 -16.74
CA ARG A 46 -46.08 -1.04 -17.24
C ARG A 46 -44.93 -0.72 -16.29
N VAL A 47 -44.01 -1.67 -16.18
CA VAL A 47 -42.88 -1.63 -15.27
C VAL A 47 -41.60 -1.98 -16.02
N ALA A 48 -40.45 -1.69 -15.43
CA ALA A 48 -39.15 -2.08 -15.97
C ALA A 48 -38.68 -3.33 -15.27
N ILE A 49 -38.14 -4.28 -16.04
CA ILE A 49 -37.58 -5.51 -15.46
C ILE A 49 -36.19 -5.78 -16.01
N LYS A 50 -35.21 -5.89 -15.13
CA LYS A 50 -33.88 -6.29 -15.55
C LYS A 50 -33.55 -7.73 -15.18
N LYS A 51 -33.21 -8.53 -16.17
CA LYS A 51 -32.77 -9.90 -15.95
C LYS A 51 -31.27 -9.87 -15.73
N ILE A 52 -30.85 -10.36 -14.57
CA ILE A 52 -29.46 -10.41 -14.21
C ILE A 52 -29.02 -11.87 -14.11
N SER A 53 -27.82 -12.17 -14.60
CA SER A 53 -27.30 -13.53 -14.65
C SER A 53 -25.86 -13.51 -14.13
N PRO A 54 -25.68 -13.34 -12.80
CA PRO A 54 -24.38 -12.98 -12.24
C PRO A 54 -23.54 -14.16 -11.65
N PHE A 55 -24.13 -15.34 -11.53
CA PHE A 55 -23.61 -16.32 -10.59
C PHE A 55 -22.27 -16.96 -10.92
N GLU A 56 -21.83 -16.81 -12.18
CA GLU A 56 -20.48 -17.28 -12.54
C GLU A 56 -19.37 -16.27 -12.23
N HIS A 57 -19.72 -15.06 -11.81
CA HIS A 57 -18.73 -14.01 -11.49
C HIS A 57 -18.85 -13.42 -10.09
N GLN A 58 -17.80 -13.58 -9.30
CA GLN A 58 -17.79 -13.06 -7.95
C GLN A 58 -18.20 -11.59 -7.89
N THR A 59 -17.62 -10.76 -8.76
CA THR A 59 -17.88 -9.32 -8.71
C THR A 59 -19.31 -8.97 -9.15
N TYR A 60 -19.87 -9.73 -10.09
CA TYR A 60 -21.26 -9.48 -10.47
C TYR A 60 -22.21 -9.88 -9.34
N CYS A 61 -21.87 -10.95 -8.62
CA CYS A 61 -22.67 -11.36 -7.45
C CYS A 61 -22.62 -10.28 -6.38
N GLN A 62 -21.43 -9.74 -6.15
CA GLN A 62 -21.24 -8.62 -5.24
C GLN A 62 -22.11 -7.43 -5.60
N ARG A 63 -22.07 -7.03 -6.87
CA ARG A 63 -22.82 -5.86 -7.32
C ARG A 63 -24.34 -6.12 -7.13
N THR A 64 -24.80 -7.30 -7.56
CA THR A 64 -26.19 -7.68 -7.48
C THR A 64 -26.71 -7.66 -6.04
N LEU A 65 -25.94 -8.25 -5.11
CA LEU A 65 -26.31 -8.29 -3.71
C LEU A 65 -26.28 -6.90 -3.07
N ARG A 66 -25.28 -6.10 -3.39
CA ARG A 66 -25.22 -4.72 -2.86
C ARG A 66 -26.44 -3.93 -3.29
N GLU A 67 -26.74 -3.97 -4.58
CA GLU A 67 -27.90 -3.21 -5.06
C GLU A 67 -29.21 -3.70 -4.44
N ILE A 68 -29.42 -5.01 -4.41
CA ILE A 68 -30.66 -5.52 -3.80
C ILE A 68 -30.75 -5.07 -2.36
N LYS A 69 -29.72 -5.32 -1.56
CA LYS A 69 -29.83 -5.03 -0.11
C LYS A 69 -30.11 -3.55 0.15
N ILE A 70 -29.41 -2.70 -0.59
CA ILE A 70 -29.51 -1.26 -0.32
C ILE A 70 -30.89 -0.72 -0.72
N LEU A 71 -31.31 -1.01 -1.93
CA LEU A 71 -32.55 -0.44 -2.44
C LEU A 71 -33.75 -1.02 -1.73
N LEU A 72 -33.65 -2.25 -1.24
CA LEU A 72 -34.74 -2.80 -0.42
C LEU A 72 -34.91 -2.06 0.92
N ARG A 73 -33.80 -1.59 1.49
CA ARG A 73 -33.82 -0.84 2.76
C ARG A 73 -34.22 0.65 2.55
N PHE A 74 -33.72 1.26 1.48
CA PHE A 74 -33.98 2.69 1.19
C PHE A 74 -35.42 3.00 0.73
N ARG A 75 -35.98 4.09 1.23
CA ARG A 75 -37.25 4.58 0.77
C ARG A 75 -37.20 6.09 0.66
N HIS A 76 -37.18 6.58 -0.58
CA HIS A 76 -37.02 8.02 -0.85
C HIS A 76 -37.52 8.32 -2.26
N GLU A 77 -38.23 9.45 -2.40
CA GLU A 77 -38.76 9.90 -3.70
C GLU A 77 -37.70 10.03 -4.79
N ASN A 78 -36.46 10.36 -4.41
CA ASN A 78 -35.42 10.59 -5.43
C ASN A 78 -34.47 9.42 -5.57
N ILE A 79 -34.88 8.23 -5.12
CA ILE A 79 -34.08 7.02 -5.30
C ILE A 79 -35.01 5.94 -5.84
N ILE A 80 -34.58 5.23 -6.87
CA ILE A 80 -35.39 4.17 -7.47
C ILE A 80 -35.65 3.04 -6.46
N GLY A 81 -36.87 2.51 -6.42
CA GLY A 81 -37.14 1.38 -5.53
C GLY A 81 -36.97 0.02 -6.19
N ILE A 82 -37.13 -1.04 -5.42
CA ILE A 82 -37.33 -2.37 -6.04
C ILE A 82 -38.75 -2.77 -5.65
N ASN A 83 -39.58 -3.04 -6.65
CA ASN A 83 -41.00 -3.39 -6.43
C ASN A 83 -41.18 -4.89 -6.18
N ASP A 84 -40.35 -5.70 -6.83
CA ASP A 84 -40.54 -7.15 -6.87
C ASP A 84 -39.25 -7.77 -7.36
N ILE A 85 -39.04 -9.04 -7.03
CA ILE A 85 -37.92 -9.81 -7.54
C ILE A 85 -38.38 -11.22 -7.84
N ILE A 86 -38.09 -11.67 -9.06
CA ILE A 86 -38.47 -13.00 -9.51
C ILE A 86 -37.22 -13.82 -9.68
N ARG A 87 -37.27 -15.06 -9.17
CA ARG A 87 -36.25 -16.05 -9.45
C ARG A 87 -36.81 -17.45 -9.12
N ALA A 88 -36.04 -18.48 -9.43
CA ALA A 88 -36.45 -19.87 -9.31
C ALA A 88 -36.71 -20.25 -7.83
N PRO A 89 -37.67 -21.20 -7.60
CA PRO A 89 -38.04 -21.65 -6.25
C PRO A 89 -36.95 -22.41 -5.48
N THR A 90 -35.94 -22.90 -6.17
CA THR A 90 -34.85 -23.58 -5.51
C THR A 90 -33.54 -22.98 -5.90
N ILE A 91 -32.57 -23.02 -4.98
CA ILE A 91 -31.30 -22.37 -5.18
C ILE A 91 -30.49 -22.97 -6.34
N GLU A 92 -30.60 -24.28 -6.48
CA GLU A 92 -30.02 -25.02 -7.60
C GLU A 92 -30.49 -24.57 -8.98
N GLN A 93 -31.77 -24.23 -9.11
CA GLN A 93 -32.34 -23.87 -10.41
C GLN A 93 -32.18 -22.37 -10.68
N MET A 94 -31.75 -21.62 -9.67
CA MET A 94 -31.62 -20.17 -9.83
C MET A 94 -30.38 -19.83 -10.63
N LYS A 95 -30.59 -19.36 -11.86
CA LYS A 95 -29.45 -18.90 -12.69
C LYS A 95 -29.60 -17.41 -13.01
N ASP A 96 -30.82 -16.91 -12.92
CA ASP A 96 -31.15 -15.54 -13.23
C ASP A 96 -31.96 -14.94 -12.12
N VAL A 97 -31.88 -13.62 -12.00
CA VAL A 97 -32.68 -12.88 -11.06
C VAL A 97 -33.33 -11.72 -11.83
N TYR A 98 -34.64 -11.54 -11.68
CA TYR A 98 -35.36 -10.46 -12.40
C TYR A 98 -35.79 -9.39 -11.39
N ILE A 99 -35.22 -8.19 -11.53
CA ILE A 99 -35.53 -7.12 -10.63
C ILE A 99 -36.53 -6.16 -11.29
N VAL A 100 -37.71 -6.02 -10.64
CA VAL A 100 -38.82 -5.20 -11.15
C VAL A 100 -38.80 -3.81 -10.50
N GLN A 101 -38.81 -2.75 -11.32
CA GLN A 101 -38.73 -1.37 -10.85
C GLN A 101 -39.73 -0.47 -11.59
N ASP A 102 -40.04 0.69 -11.01
CA ASP A 102 -40.90 1.68 -11.67
C ASP A 102 -40.30 1.99 -13.03
N LEU A 103 -41.15 2.10 -14.05
CA LEU A 103 -40.68 2.38 -15.37
C LEU A 103 -40.37 3.88 -15.39
N MET A 104 -39.21 4.25 -15.93
CA MET A 104 -38.88 5.68 -16.06
C MET A 104 -38.58 5.95 -17.53
N GLU A 105 -39.15 7.02 -18.07
CA GLU A 105 -39.14 7.23 -19.52
C GLU A 105 -37.76 7.57 -20.08
N THR A 106 -36.91 8.17 -19.26
CA THR A 106 -35.64 8.64 -19.80
C THR A 106 -34.58 8.74 -18.69
N ASP A 107 -33.44 9.34 -19.02
CA ASP A 107 -32.43 9.64 -17.97
C ASP A 107 -31.72 10.93 -18.38
N LEU A 108 -30.92 11.48 -17.47
CA LEU A 108 -30.28 12.78 -17.74
C LEU A 108 -29.33 12.74 -18.94
N TYR A 109 -28.65 11.62 -19.14
CA TYR A 109 -27.72 11.54 -20.28
C TYR A 109 -28.47 11.72 -21.60
N LYS A 110 -29.55 10.95 -21.80
CA LYS A 110 -30.41 11.10 -23.00
C LYS A 110 -30.97 12.52 -23.11
N LEU A 111 -31.45 13.07 -21.99
CA LEU A 111 -32.05 14.40 -22.03
C LEU A 111 -31.07 15.49 -22.54
N LEU A 112 -29.82 15.43 -22.06
CA LEU A 112 -28.77 16.40 -22.43
C LEU A 112 -28.35 16.24 -23.89
N LYS A 113 -28.52 15.04 -24.43
CA LYS A 113 -28.32 14.80 -25.89
C LYS A 113 -29.44 15.43 -26.69
N THR A 114 -30.56 15.71 -26.04
CA THR A 114 -31.79 16.09 -26.71
C THR A 114 -32.06 17.60 -26.69
N GLN A 115 -31.67 18.26 -25.60
CA GLN A 115 -31.98 19.68 -25.43
C GLN A 115 -31.07 20.42 -24.43
N HIS A 116 -30.96 21.74 -24.63
CA HIS A 116 -30.31 22.63 -23.67
C HIS A 116 -31.35 22.87 -22.57
N LEU A 117 -30.94 22.91 -21.31
CA LEU A 117 -31.86 23.08 -20.19
C LEU A 117 -31.99 24.53 -19.73
N SER A 118 -33.20 24.98 -19.35
CA SER A 118 -33.37 26.29 -18.70
C SER A 118 -32.68 26.29 -17.34
N ASN A 119 -32.34 27.47 -16.83
CA ASN A 119 -31.77 27.58 -15.46
C ASN A 119 -32.70 27.02 -14.40
N ASP A 120 -34.00 27.22 -14.57
CA ASP A 120 -34.96 26.62 -13.61
C ASP A 120 -34.93 25.11 -13.62
N HIS A 121 -34.78 24.48 -14.79
CA HIS A 121 -34.67 23.01 -14.79
C HIS A 121 -33.33 22.55 -14.21
N ILE A 122 -32.23 23.23 -14.51
CA ILE A 122 -30.93 22.84 -13.96
C ILE A 122 -30.99 22.89 -12.42
N CYS A 123 -31.56 23.97 -11.92
CA CYS A 123 -31.72 24.16 -10.47
C CYS A 123 -32.53 23.02 -9.85
N TYR A 124 -33.66 22.70 -10.45
CA TYR A 124 -34.53 21.65 -9.94
C TYR A 124 -33.84 20.29 -9.96
N PHE A 125 -33.17 19.97 -11.06
CA PHE A 125 -32.52 18.66 -11.17
C PHE A 125 -31.40 18.59 -10.13
N LEU A 126 -30.60 19.65 -10.03
CA LEU A 126 -29.49 19.63 -9.04
C LEU A 126 -30.03 19.40 -7.63
N TYR A 127 -31.11 20.12 -7.28
CA TYR A 127 -31.76 19.98 -5.98
C TYR A 127 -32.21 18.54 -5.74
N GLN A 128 -32.85 17.93 -6.73
CA GLN A 128 -33.29 16.54 -6.56
C GLN A 128 -32.14 15.57 -6.40
N ILE A 129 -31.07 15.77 -7.18
CA ILE A 129 -29.84 14.94 -7.00
C ILE A 129 -29.34 15.04 -5.55
N LEU A 130 -29.21 16.26 -5.07
CA LEU A 130 -28.68 16.46 -3.73
C LEU A 130 -29.64 16.00 -2.62
N ARG A 131 -30.94 16.12 -2.88
CA ARG A 131 -31.97 15.67 -1.93
C ARG A 131 -31.86 14.15 -1.78
N GLY A 132 -31.76 13.45 -2.91
CA GLY A 132 -31.53 12.00 -2.88
C GLY A 132 -30.19 11.68 -2.22
N LEU A 133 -29.15 12.43 -2.55
CA LEU A 133 -27.84 12.16 -1.99
C LEU A 133 -27.82 12.42 -0.48
N LYS A 134 -28.56 13.41 -0.02
CA LYS A 134 -28.66 13.70 1.42
C LYS A 134 -29.14 12.43 2.15
N TYR A 135 -30.16 11.77 1.59
CA TYR A 135 -30.68 10.52 2.19
C TYR A 135 -29.65 9.38 2.18
N ILE A 136 -29.06 9.12 1.02
CA ILE A 136 -28.01 8.14 0.88
C ILE A 136 -26.88 8.35 1.91
N HIS A 137 -26.37 9.58 1.96
CA HIS A 137 -25.28 9.90 2.88
C HIS A 137 -25.70 9.81 4.33
N SER A 138 -26.97 10.11 4.62
CA SER A 138 -27.50 10.00 5.99
C SER A 138 -27.52 8.55 6.45
N ALA A 139 -27.48 7.64 5.47
CA ALA A 139 -27.38 6.21 5.74
C ALA A 139 -25.94 5.73 5.87
N ASN A 140 -24.98 6.64 5.75
CA ASN A 140 -23.57 6.26 5.79
C ASN A 140 -23.14 5.44 4.57
N VAL A 141 -23.84 5.66 3.44
CA VAL A 141 -23.53 4.95 2.20
C VAL A 141 -22.93 5.93 1.18
N LEU A 142 -21.94 5.47 0.40
CA LEU A 142 -21.39 6.20 -0.73
C LEU A 142 -21.91 5.52 -1.98
N HIS A 143 -22.49 6.29 -2.90
CA HIS A 143 -22.99 5.74 -4.15
C HIS A 143 -21.84 5.24 -5.05
N ARG A 144 -20.88 6.11 -5.30
CA ARG A 144 -19.64 5.83 -6.03
C ARG A 144 -19.75 5.75 -7.54
N ASP A 145 -20.94 5.91 -8.10
CA ASP A 145 -21.09 5.77 -9.55
C ASP A 145 -22.11 6.79 -10.08
N LEU A 146 -22.13 8.00 -9.50
CA LEU A 146 -23.05 9.02 -9.94
C LEU A 146 -22.60 9.59 -11.30
N LYS A 147 -23.54 9.66 -12.25
CA LYS A 147 -23.26 10.16 -13.60
C LYS A 147 -24.63 10.37 -14.28
N PRO A 148 -24.69 11.11 -15.40
CA PRO A 148 -26.04 11.41 -15.93
C PRO A 148 -26.90 10.19 -16.26
N SER A 149 -26.33 9.13 -16.81
CA SER A 149 -27.13 7.93 -17.16
C SER A 149 -27.73 7.18 -15.95
N ASN A 150 -27.22 7.47 -14.74
CA ASN A 150 -27.74 6.87 -13.49
C ASN A 150 -28.70 7.82 -12.79
N LEU A 151 -29.14 8.84 -13.51
CA LEU A 151 -30.18 9.71 -13.01
C LEU A 151 -31.43 9.58 -13.90
N LEU A 152 -32.38 8.76 -13.45
CA LEU A 152 -33.57 8.49 -14.23
C LEU A 152 -34.57 9.62 -14.12
N LEU A 153 -35.36 9.83 -15.16
CA LEU A 153 -36.32 10.92 -15.20
C LEU A 153 -37.60 10.42 -15.82
N ASN A 154 -38.72 10.98 -15.38
CA ASN A 154 -40.00 10.64 -16.02
C ASN A 154 -40.35 11.75 -17.01
N THR A 155 -41.62 11.96 -17.36
CA THR A 155 -41.97 13.02 -18.33
C THR A 155 -42.25 14.35 -17.68
N THR A 156 -42.21 14.38 -16.35
CA THR A 156 -42.51 15.60 -15.59
C THR A 156 -41.34 16.00 -14.68
N CYS A 157 -40.12 15.68 -15.09
CA CYS A 157 -38.90 16.18 -14.44
C CYS A 157 -38.63 15.62 -13.02
N ASP A 158 -39.34 14.56 -12.64
CA ASP A 158 -39.05 13.86 -11.38
C ASP A 158 -37.84 12.98 -11.60
N LEU A 159 -36.88 13.11 -10.69
CA LEU A 159 -35.57 12.46 -10.87
C LEU A 159 -35.38 11.38 -9.81
N LYS A 160 -34.88 10.22 -10.22
CA LYS A 160 -34.54 9.15 -9.28
C LYS A 160 -33.13 8.64 -9.56
N ILE A 161 -32.31 8.59 -8.51
CA ILE A 161 -30.95 8.00 -8.59
C ILE A 161 -31.05 6.47 -8.67
N CYS A 162 -30.27 5.87 -9.58
CA CYS A 162 -30.33 4.43 -9.72
C CYS A 162 -28.92 3.85 -9.68
N ASP A 163 -28.80 2.53 -9.87
CA ASP A 163 -27.52 1.84 -10.07
C ASP A 163 -26.63 1.84 -8.82
N PHE A 164 -27.01 1.00 -7.87
CA PHE A 164 -26.33 0.99 -6.57
C PHE A 164 -25.35 -0.18 -6.45
N GLY A 165 -24.98 -0.78 -7.58
CA GLY A 165 -24.05 -1.92 -7.60
C GLY A 165 -22.64 -1.68 -7.07
N LEU A 166 -22.18 -0.43 -7.15
CA LEU A 166 -20.86 -0.08 -6.66
C LEU A 166 -20.89 0.57 -5.26
N ALA A 167 -22.07 0.66 -4.66
CA ALA A 167 -22.23 1.40 -3.41
C ALA A 167 -21.58 0.66 -2.24
N ARG A 168 -21.06 1.43 -1.30
CA ARG A 168 -20.38 0.88 -0.11
C ARG A 168 -20.71 1.71 1.12
N VAL A 169 -20.76 1.07 2.28
CA VAL A 169 -20.79 1.82 3.53
C VAL A 169 -19.48 2.63 3.62
N ALA A 170 -19.57 3.87 4.09
CA ALA A 170 -18.38 4.73 4.10
C ALA A 170 -17.37 4.12 5.05
N ASP A 171 -16.12 3.99 4.57
CA ASP A 171 -15.03 3.44 5.38
C ASP A 171 -13.66 3.91 4.86
N PRO A 172 -13.25 5.13 5.27
CA PRO A 172 -11.98 5.70 4.78
C PRO A 172 -10.77 4.81 5.04
N ASP A 173 -10.79 4.07 6.15
CA ASP A 173 -9.63 3.32 6.63
C ASP A 173 -9.34 1.99 5.93
N HIS A 174 -10.28 1.51 5.11
CA HIS A 174 -10.13 0.19 4.46
C HIS A 174 -9.64 0.25 3.03
N ASP A 175 -8.61 -0.54 2.73
CA ASP A 175 -7.94 -0.54 1.43
C ASP A 175 -8.77 -1.30 0.38
N HIS A 176 -8.39 -1.11 -0.88
N HIS A 176 -8.50 -1.06 -0.90
CA HIS A 176 -9.10 -1.58 -2.08
CA HIS A 176 -9.42 -1.61 -1.90
C HIS A 176 -9.08 -3.09 -2.30
C HIS A 176 -9.04 -2.95 -2.51
N THR A 177 -10.06 -3.58 -3.08
CA THR A 177 -10.04 -4.97 -3.54
C THR A 177 -10.09 -5.05 -5.07
N GLY A 178 -10.13 -3.90 -5.74
CA GLY A 178 -10.22 -3.85 -7.19
C GLY A 178 -11.65 -3.91 -7.72
N PHE A 179 -12.62 -3.89 -6.81
CA PHE A 179 -14.05 -3.99 -7.12
C PHE A 179 -14.55 -2.79 -7.96
N LEU A 180 -14.26 -1.58 -7.49
CA LEU A 180 -14.60 -0.34 -8.19
C LEU A 180 -13.71 -0.15 -9.43
N GLU A 182 -12.07 -2.14 -11.60
CA GLU A 182 -12.31 -2.90 -12.83
C GLU A 182 -13.59 -2.47 -13.56
N VAL A 184 -14.97 0.75 -15.46
CA VAL A 184 -14.36 1.98 -16.02
C VAL A 184 -15.17 2.77 -17.08
N ALA A 185 -16.50 2.69 -17.04
CA ALA A 185 -17.33 3.56 -17.88
C ALA A 185 -17.63 4.88 -17.14
N THR A 186 -16.98 5.07 -15.99
CA THR A 186 -17.29 6.18 -15.11
C THR A 186 -16.07 7.09 -14.90
N ARG A 187 -15.07 6.92 -15.77
CA ARG A 187 -13.84 7.72 -15.72
C ARG A 187 -14.06 9.24 -15.58
N TRP A 188 -15.02 9.76 -16.32
CA TRP A 188 -15.19 11.20 -16.41
C TRP A 188 -15.74 11.84 -15.12
N TYR A 189 -16.27 11.02 -14.21
CA TYR A 189 -16.97 11.53 -13.02
C TYR A 189 -16.24 11.14 -11.74
N ARG A 190 -15.06 10.54 -11.90
CA ARG A 190 -14.23 10.04 -10.80
C ARG A 190 -13.38 11.11 -10.08
N ALA A 191 -13.59 11.31 -8.78
CA ALA A 191 -12.81 12.30 -8.04
C ALA A 191 -11.30 12.01 -8.08
N PRO A 192 -10.48 13.07 -8.10
CA PRO A 192 -9.03 12.91 -8.22
C PRO A 192 -8.38 12.07 -7.15
N GLU A 193 -8.92 12.11 -5.93
CA GLU A 193 -8.36 11.30 -4.83
C GLU A 193 -8.54 9.78 -5.09
N ILE A 194 -9.61 9.42 -5.81
CA ILE A 194 -9.79 8.00 -6.24
C ILE A 194 -8.70 7.62 -7.24
N MET A 195 -8.34 8.54 -8.11
CA MET A 195 -7.30 8.25 -9.08
C MET A 195 -5.93 8.23 -8.48
N LEU A 196 -5.73 9.01 -7.40
CA LEU A 196 -4.39 9.20 -6.87
C LEU A 196 -4.09 8.37 -5.61
N ASN A 197 -5.09 8.15 -4.77
CA ASN A 197 -4.95 7.38 -3.51
C ASN A 197 -5.73 6.09 -3.59
N SER A 198 -5.29 5.06 -2.87
CA SER A 198 -5.97 3.77 -2.86
C SER A 198 -7.06 3.66 -1.80
N LYS A 199 -7.02 4.56 -0.81
CA LYS A 199 -8.01 4.56 0.27
C LYS A 199 -8.18 5.98 0.82
N GLY A 200 -8.87 6.12 1.94
CA GLY A 200 -9.14 7.43 2.53
C GLY A 200 -10.38 8.13 1.96
N TYR A 201 -11.12 7.46 1.10
CA TYR A 201 -12.29 8.09 0.44
C TYR A 201 -13.40 8.37 1.42
N THR A 202 -14.06 9.52 1.24
CA THR A 202 -15.21 9.87 2.05
C THR A 202 -16.41 10.18 1.15
N LYS A 203 -17.48 10.62 1.77
CA LYS A 203 -18.66 11.12 1.08
C LYS A 203 -18.30 12.15 0.02
N SER A 204 -17.18 12.86 0.20
CA SER A 204 -16.85 13.88 -0.79
C SER A 204 -16.62 13.36 -2.23
N ILE A 205 -16.35 12.06 -2.41
CA ILE A 205 -16.25 11.51 -3.76
C ILE A 205 -17.56 11.68 -4.56
N ASP A 206 -18.69 11.50 -3.89
CA ASP A 206 -20.00 11.65 -4.54
C ASP A 206 -20.26 13.13 -4.85
N ILE A 207 -19.84 14.03 -3.96
CA ILE A 207 -20.02 15.47 -4.22
C ILE A 207 -19.27 15.87 -5.51
N TRP A 208 -18.02 15.39 -5.65
CA TRP A 208 -17.27 15.62 -6.88
C TRP A 208 -18.10 15.21 -8.08
N SER A 209 -18.67 14.01 -8.06
CA SER A 209 -19.42 13.52 -9.24
C SER A 209 -20.60 14.46 -9.49
N VAL A 210 -21.26 14.90 -8.41
CA VAL A 210 -22.39 15.82 -8.61
C VAL A 210 -21.94 17.15 -9.25
N GLY A 211 -20.80 17.67 -8.84
CA GLY A 211 -20.19 18.88 -9.48
C GLY A 211 -19.97 18.64 -10.98
N CYS A 212 -19.51 17.44 -11.32
CA CYS A 212 -19.32 17.10 -12.75
C CYS A 212 -20.65 17.09 -13.51
N ILE A 213 -21.69 16.55 -12.87
CA ILE A 213 -23.04 16.54 -13.45
C ILE A 213 -23.63 17.95 -13.63
N LEU A 214 -23.49 18.78 -12.59
CA LEU A 214 -23.86 20.19 -12.70
C LEU A 214 -23.18 20.89 -13.92
N ALA A 215 -21.86 20.72 -14.05
CA ALA A 215 -21.14 21.29 -15.16
C ALA A 215 -21.70 20.79 -16.51
N GLU A 216 -21.96 19.49 -16.59
CA GLU A 216 -22.53 18.86 -17.78
C GLU A 216 -23.94 19.41 -18.12
N MET A 217 -24.76 19.66 -17.10
CA MET A 217 -26.05 20.34 -17.35
C MET A 217 -25.90 21.78 -17.86
N LEU A 218 -24.85 22.48 -17.44
CA LEU A 218 -24.66 23.84 -17.91
C LEU A 218 -24.26 23.94 -19.38
N SER A 219 -23.52 22.97 -19.90
CA SER A 219 -22.97 23.07 -21.25
C SER A 219 -23.36 21.93 -22.19
N ASN A 220 -24.18 20.99 -21.71
CA ASN A 220 -24.49 19.76 -22.47
C ASN A 220 -23.27 18.99 -22.95
N ARG A 221 -22.17 19.04 -22.18
CA ARG A 221 -21.00 18.21 -22.47
C ARG A 221 -20.25 17.91 -21.16
N PRO A 222 -19.56 16.77 -21.10
CA PRO A 222 -18.79 16.42 -19.89
C PRO A 222 -17.66 17.42 -19.71
N ILE A 223 -17.42 17.84 -18.47
CA ILE A 223 -16.41 18.84 -18.18
C ILE A 223 -15.00 18.30 -18.32
N PHE A 224 -14.81 17.03 -17.93
CA PHE A 224 -13.47 16.43 -17.91
C PHE A 224 -13.45 15.13 -18.72
N PRO A 225 -13.62 15.23 -20.07
CA PRO A 225 -13.76 13.98 -20.82
C PRO A 225 -12.40 13.38 -21.21
N GLY A 226 -11.66 12.87 -20.24
CA GLY A 226 -10.35 12.28 -20.54
C GLY A 226 -10.46 10.93 -21.23
N LYS A 227 -9.44 10.60 -22.02
CA LYS A 227 -9.46 9.36 -22.82
C LYS A 227 -8.76 8.20 -22.14
N HIS A 228 -7.86 8.53 -21.21
CA HIS A 228 -7.07 7.58 -20.43
C HIS A 228 -6.78 8.21 -19.06
N TYR A 229 -6.13 7.43 -18.18
CA TYR A 229 -5.74 7.85 -16.83
C TYR A 229 -4.99 9.19 -16.73
N LEU A 230 -3.80 9.29 -17.34
CA LEU A 230 -3.04 10.57 -17.33
C LEU A 230 -3.79 11.71 -18.00
N ASP A 231 -4.47 11.42 -19.11
CA ASP A 231 -5.23 12.42 -19.80
C ASP A 231 -6.36 12.97 -18.91
N GLN A 232 -7.01 12.08 -18.16
CA GLN A 232 -8.07 12.46 -17.22
C GLN A 232 -7.54 13.47 -16.19
N LEU A 233 -6.37 13.17 -15.59
CA LEU A 233 -5.77 14.08 -14.62
C LEU A 233 -5.42 15.39 -15.28
N ASN A 234 -4.92 15.34 -16.52
CA ASN A 234 -4.60 16.59 -17.21
C ASN A 234 -5.81 17.48 -17.50
N HIS A 235 -6.94 16.86 -17.84
CA HIS A 235 -8.19 17.61 -18.08
C HIS A 235 -8.61 18.33 -16.77
N ILE A 236 -8.53 17.63 -15.64
CA ILE A 236 -8.90 18.24 -14.34
C ILE A 236 -7.94 19.42 -14.04
N LEU A 237 -6.64 19.16 -14.09
CA LEU A 237 -5.67 20.18 -13.71
C LEU A 237 -5.65 21.35 -14.69
N GLY A 238 -5.99 21.09 -15.95
CA GLY A 238 -6.04 22.15 -16.93
C GLY A 238 -7.16 23.15 -16.69
N ILE A 239 -8.14 22.77 -15.85
CA ILE A 239 -9.20 23.69 -15.45
C ILE A 239 -9.01 24.23 -14.02
N LEU A 240 -8.77 23.33 -13.07
CA LEU A 240 -8.58 23.78 -11.69
C LEU A 240 -7.24 24.47 -11.47
N GLY A 241 -6.28 24.22 -12.35
CA GLY A 241 -4.89 24.71 -12.18
C GLY A 241 -4.07 23.73 -11.37
N SER A 242 -2.75 23.93 -11.31
CA SER A 242 -1.86 23.09 -10.48
C SER A 242 -2.31 23.07 -9.00
N PRO A 243 -2.27 21.88 -8.36
CA PRO A 243 -2.57 21.79 -6.93
C PRO A 243 -1.59 22.60 -6.12
N SER A 244 -2.09 23.14 -5.01
CA SER A 244 -1.28 23.86 -4.05
C SER A 244 -0.45 22.87 -3.24
N GLN A 245 0.51 23.39 -2.48
CA GLN A 245 1.28 22.58 -1.57
C GLN A 245 0.35 21.86 -0.57
N GLU A 246 -0.62 22.59 -0.02
CA GLU A 246 -1.59 22.02 0.91
C GLU A 246 -2.37 20.86 0.28
N ASP A 247 -2.71 21.02 -0.98
CA ASP A 247 -3.43 19.97 -1.65
C ASP A 247 -2.59 18.77 -2.08
N LEU A 248 -1.33 19.03 -2.42
CA LEU A 248 -0.36 17.97 -2.66
C LEU A 248 -0.22 17.10 -1.42
N ASN A 249 -0.40 17.69 -0.25
CA ASN A 249 -0.35 16.90 0.98
C ASN A 249 -1.59 16.06 1.28
N CYS A 250 -2.62 16.14 0.43
CA CYS A 250 -3.74 15.17 0.46
C CYS A 250 -3.35 13.87 -0.21
N ILE A 251 -2.33 13.92 -1.06
CA ILE A 251 -1.91 12.73 -1.76
C ILE A 251 -0.88 12.03 -0.86
N ILE A 252 -1.33 10.95 -0.25
CA ILE A 252 -0.52 10.12 0.64
C ILE A 252 0.50 9.35 -0.21
N ASN A 253 0.04 8.91 -1.36
CA ASN A 253 0.84 8.22 -2.35
C ASN A 253 2.08 9.06 -2.78
N LEU A 254 3.24 8.79 -2.19
CA LEU A 254 4.41 9.66 -2.48
C LEU A 254 4.79 9.69 -3.97
N LYS A 255 4.57 8.57 -4.66
CA LYS A 255 4.90 8.51 -6.08
C LYS A 255 3.94 9.37 -6.90
N ALA A 256 2.65 9.28 -6.57
CA ALA A 256 1.64 10.14 -7.21
C ALA A 256 1.95 11.61 -6.98
N ARG A 257 2.32 11.93 -5.74
CA ARG A 257 2.63 13.31 -5.39
C ARG A 257 3.81 13.86 -6.18
N ASN A 258 4.90 13.10 -6.26
CA ASN A 258 6.06 13.48 -7.11
C ASN A 258 5.66 13.72 -8.57
N TYR A 259 4.85 12.81 -9.12
CA TYR A 259 4.29 13.01 -10.47
C TYR A 259 3.59 14.38 -10.62
N LEU A 260 2.64 14.68 -9.74
CA LEU A 260 1.95 15.97 -9.83
C LEU A 260 2.88 17.17 -9.74
N LEU A 261 3.85 17.09 -8.84
CA LEU A 261 4.88 18.13 -8.71
C LEU A 261 5.74 18.27 -9.96
N SER A 262 5.90 17.19 -10.73
CA SER A 262 6.71 17.28 -11.94
C SER A 262 6.04 18.07 -13.06
N LEU A 263 4.71 18.18 -13.03
CA LEU A 263 3.98 18.78 -14.15
C LEU A 263 4.25 20.26 -14.36
N PRO A 264 4.09 20.75 -15.61
CA PRO A 264 4.19 22.20 -15.84
C PRO A 264 3.05 22.95 -15.14
N HIS A 265 3.32 24.17 -14.68
CA HIS A 265 2.28 24.98 -14.02
C HIS A 265 1.11 25.25 -14.96
N LYS A 266 -0.09 25.17 -14.40
CA LYS A 266 -1.33 25.50 -15.09
C LYS A 266 -2.09 26.48 -14.20
N ASN A 267 -2.58 27.55 -14.79
CA ASN A 267 -3.39 28.51 -14.06
C ASN A 267 -4.81 28.01 -14.02
N LYS A 268 -5.56 28.40 -13.00
CA LYS A 268 -6.98 28.09 -12.89
C LYS A 268 -7.73 28.84 -13.98
N VAL A 269 -8.68 28.14 -14.62
CA VAL A 269 -9.60 28.78 -15.53
C VAL A 269 -10.83 29.26 -14.73
N PRO A 270 -11.13 30.57 -14.77
CA PRO A 270 -12.33 31.09 -14.13
C PRO A 270 -13.56 30.38 -14.68
N TRP A 271 -14.45 29.98 -13.77
CA TRP A 271 -15.65 29.28 -14.16
C TRP A 271 -16.49 30.03 -15.20
N ASN A 272 -16.62 31.35 -15.05
CA ASN A 272 -17.46 32.13 -15.98
C ASN A 272 -16.89 32.22 -17.41
N ARG A 273 -15.61 31.93 -17.60
CA ARG A 273 -15.02 31.81 -18.94
C ARG A 273 -15.53 30.52 -19.59
N LEU A 274 -15.50 29.45 -18.81
CA LEU A 274 -15.95 28.14 -19.27
C LEU A 274 -17.47 28.06 -19.40
N PHE A 275 -18.18 28.75 -18.50
CA PHE A 275 -19.65 28.68 -18.41
C PHE A 275 -20.28 30.09 -18.45
N PRO A 276 -20.19 30.74 -19.62
CA PRO A 276 -20.56 32.17 -19.69
C PRO A 276 -22.06 32.46 -19.58
N ASN A 277 -22.91 31.45 -19.68
CA ASN A 277 -24.34 31.66 -19.56
C ASN A 277 -24.90 31.19 -18.22
N ALA A 278 -24.05 30.60 -17.37
CA ALA A 278 -24.51 30.07 -16.07
C ALA A 278 -24.83 31.15 -15.03
N ASP A 279 -25.85 30.88 -14.24
CA ASP A 279 -26.12 31.62 -13.00
C ASP A 279 -24.81 31.74 -12.20
N SER A 280 -24.46 32.95 -11.77
CA SER A 280 -23.18 33.11 -11.02
C SER A 280 -23.18 32.38 -9.65
N LYS A 281 -24.36 32.25 -9.04
CA LYS A 281 -24.49 31.43 -7.81
C LYS A 281 -24.26 29.95 -8.09
N ALA A 282 -24.75 29.47 -9.24
CA ALA A 282 -24.47 28.10 -9.67
C ALA A 282 -22.96 27.89 -9.80
N LEU A 283 -22.24 28.87 -10.33
CA LEU A 283 -20.79 28.70 -10.49
C LEU A 283 -20.07 28.75 -9.15
N ASP A 284 -20.56 29.56 -8.21
CA ASP A 284 -19.92 29.58 -6.92
C ASP A 284 -20.09 28.20 -6.26
N LEU A 285 -21.27 27.61 -6.38
CA LEU A 285 -21.49 26.23 -5.89
C LEU A 285 -20.57 25.24 -6.59
N LEU A 286 -20.52 25.32 -7.92
CA LEU A 286 -19.68 24.40 -8.70
C LEU A 286 -18.23 24.43 -8.22
N ASP A 287 -17.75 25.63 -7.94
CA ASP A 287 -16.37 25.83 -7.47
C ASP A 287 -16.10 25.00 -6.19
N LYS A 288 -17.10 24.97 -5.28
CA LYS A 288 -16.95 24.26 -4.01
C LYS A 288 -17.08 22.74 -4.15
N MET A 289 -17.82 22.29 -5.17
CA MET A 289 -17.99 20.86 -5.40
C MET A 289 -16.80 20.30 -6.15
N LEU A 290 -16.23 21.07 -7.06
CA LEU A 290 -15.06 20.59 -7.78
C LEU A 290 -13.79 21.17 -7.16
N THR A 291 -13.67 21.04 -5.85
CA THR A 291 -12.43 21.38 -5.19
C THR A 291 -11.53 20.14 -5.22
N PHE A 292 -10.28 20.33 -5.62
CA PHE A 292 -9.31 19.23 -5.66
C PHE A 292 -9.19 18.55 -4.31
N ASN A 293 -9.04 19.35 -3.26
CA ASN A 293 -8.82 18.85 -1.89
C ASN A 293 -10.12 18.20 -1.39
N PRO A 294 -10.11 16.86 -1.18
CA PRO A 294 -11.39 16.23 -0.82
C PRO A 294 -11.84 16.56 0.57
N HIS A 295 -10.92 17.05 1.40
CA HIS A 295 -11.27 17.37 2.77
C HIS A 295 -11.90 18.73 2.89
N LYS A 296 -11.58 19.65 1.98
CA LYS A 296 -12.16 20.98 2.00
C LYS A 296 -13.44 21.06 1.18
N ARG A 297 -13.65 20.07 0.32
CA ARG A 297 -14.82 20.02 -0.57
C ARG A 297 -16.12 20.14 0.24
N ILE A 298 -17.08 20.86 -0.31
CA ILE A 298 -18.39 21.06 0.28
C ILE A 298 -19.11 19.72 0.49
N GLU A 299 -19.89 19.60 1.56
CA GLU A 299 -20.62 18.34 1.73
CA GLU A 299 -20.63 18.39 1.93
C GLU A 299 -22.09 18.56 1.46
N VAL A 300 -22.86 17.48 1.47
CA VAL A 300 -24.22 17.54 0.91
C VAL A 300 -25.17 18.56 1.55
N GLU A 301 -25.19 18.65 2.88
CA GLU A 301 -26.14 19.58 3.54
C GLU A 301 -25.74 21.01 3.24
N GLN A 302 -24.43 21.25 3.22
CA GLN A 302 -23.91 22.58 2.89
C GLN A 302 -24.21 22.97 1.44
N ALA A 303 -24.14 21.99 0.52
CA ALA A 303 -24.46 22.26 -0.89
C ALA A 303 -25.96 22.62 -1.02
N LEU A 304 -26.82 21.86 -0.34
CA LEU A 304 -28.25 22.18 -0.31
C LEU A 304 -28.54 23.56 0.24
N ALA A 305 -27.76 23.98 1.24
CA ALA A 305 -27.89 25.30 1.87
C ALA A 305 -27.25 26.46 1.09
N HIS A 306 -26.65 26.17 -0.07
CA HIS A 306 -25.93 27.19 -0.84
C HIS A 306 -26.97 28.15 -1.46
N PRO A 307 -26.61 29.45 -1.65
CA PRO A 307 -27.57 30.41 -2.26
C PRO A 307 -28.18 29.98 -3.60
N TYR A 308 -27.47 29.18 -4.40
CA TYR A 308 -28.06 28.76 -5.66
C TYR A 308 -29.35 27.94 -5.49
N LEU A 309 -29.44 27.19 -4.39
CA LEU A 309 -30.57 26.32 -4.17
C LEU A 309 -31.59 26.88 -3.16
N GLU A 310 -31.51 28.19 -2.89
CA GLU A 310 -32.33 28.79 -1.84
C GLU A 310 -33.83 28.71 -2.06
N GLN A 311 -34.28 28.64 -3.33
CA GLN A 311 -35.72 28.49 -3.65
C GLN A 311 -36.25 27.12 -3.26
N TYR A 312 -35.36 26.14 -3.18
CA TYR A 312 -35.75 24.75 -2.87
C TYR A 312 -35.37 24.23 -1.49
N TYR A 313 -34.33 24.78 -0.90
CA TYR A 313 -33.77 24.12 0.29
C TYR A 313 -34.81 24.14 1.41
N ASP A 314 -35.14 22.95 1.94
CA ASP A 314 -36.33 22.83 2.80
C ASP A 314 -36.19 21.56 3.63
N PRO A 315 -35.40 21.62 4.71
CA PRO A 315 -35.19 20.45 5.57
C PRO A 315 -36.49 19.78 6.01
N SER A 316 -37.57 20.55 6.17
CA SER A 316 -38.89 19.91 6.49
C SER A 316 -39.46 19.01 5.38
N ASP A 317 -38.91 19.13 4.18
CA ASP A 317 -39.36 18.28 3.08
C ASP A 317 -38.18 17.57 2.42
N GLU A 318 -37.24 17.12 3.25
CA GLU A 318 -36.04 16.38 2.81
C GLU A 318 -35.77 15.21 3.76
N PRO A 319 -36.45 14.08 3.54
CA PRO A 319 -36.28 12.94 4.46
C PRO A 319 -34.86 12.41 4.54
N ILE A 320 -34.51 11.87 5.70
CA ILE A 320 -33.25 11.16 5.89
C ILE A 320 -33.49 9.74 6.40
N ALA A 321 -32.44 8.93 6.42
CA ALA A 321 -32.52 7.56 6.87
C ALA A 321 -32.71 7.50 8.39
N GLU A 322 -33.57 6.58 8.85
CA GLU A 322 -33.79 6.36 10.29
C GLU A 322 -32.49 6.01 11.02
N ALA A 323 -31.67 5.19 10.37
CA ALA A 323 -30.41 4.71 10.94
C ALA A 323 -29.41 4.47 9.80
N PRO A 324 -28.10 4.51 10.12
CA PRO A 324 -27.04 4.01 9.23
C PRO A 324 -27.33 2.63 8.65
N PHE A 325 -26.97 2.46 7.39
CA PHE A 325 -27.06 1.16 6.73
C PHE A 325 -25.82 0.35 7.12
N LYS A 326 -25.99 -0.94 7.38
CA LYS A 326 -24.82 -1.82 7.58
C LYS A 326 -24.94 -3.14 6.83
N PHE A 327 -23.81 -3.60 6.29
CA PHE A 327 -23.67 -4.99 5.86
C PHE A 327 -23.23 -5.81 7.08
N ASP A 328 -23.99 -6.87 7.36
CA ASP A 328 -23.67 -7.85 8.41
C ASP A 328 -22.21 -8.32 8.32
N MET A 329 -21.79 -8.70 7.12
CA MET A 329 -20.39 -9.08 6.85
C MET A 329 -19.91 -8.39 5.58
N GLU A 330 -18.60 -8.24 5.44
CA GLU A 330 -18.01 -7.70 4.21
C GLU A 330 -18.28 -8.68 3.10
N LEU A 331 -18.79 -8.19 1.99
CA LEU A 331 -19.16 -9.05 0.86
C LEU A 331 -17.98 -9.30 -0.06
N ASP A 332 -17.04 -8.37 -0.06
CA ASP A 332 -15.93 -8.33 -1.01
C ASP A 332 -14.98 -9.55 -1.00
N ASP A 333 -14.89 -10.24 0.13
CA ASP A 333 -14.04 -11.42 0.29
C ASP A 333 -14.80 -12.77 0.23
N LEU A 334 -16.12 -12.70 0.04
CA LEU A 334 -16.92 -13.93 0.03
C LEU A 334 -16.90 -14.57 -1.34
N PRO A 335 -16.74 -15.91 -1.40
CA PRO A 335 -16.76 -16.61 -2.69
C PRO A 335 -18.14 -16.52 -3.35
N LYS A 336 -18.20 -16.74 -4.66
CA LYS A 336 -19.44 -16.48 -5.39
C LYS A 336 -20.58 -17.42 -4.94
N GLU A 337 -20.23 -18.59 -4.42
CA GLU A 337 -21.23 -19.56 -3.99
C GLU A 337 -21.93 -19.09 -2.73
N LYS A 338 -21.17 -18.46 -1.85
CA LYS A 338 -21.72 -17.91 -0.63
C LYS A 338 -22.61 -16.70 -0.96
N LEU A 339 -22.14 -15.87 -1.89
CA LEU A 339 -22.94 -14.74 -2.35
C LEU A 339 -24.24 -15.19 -2.99
N LYS A 340 -24.20 -16.28 -3.76
CA LYS A 340 -25.42 -16.88 -4.31
C LYS A 340 -26.43 -17.24 -3.20
N GLU A 341 -25.95 -17.84 -2.12
CA GLU A 341 -26.82 -18.16 -0.95
C GLU A 341 -27.43 -16.90 -0.32
N LEU A 342 -26.63 -15.85 -0.19
CA LEU A 342 -27.13 -14.60 0.39
C LEU A 342 -28.20 -13.97 -0.50
N ILE A 343 -28.03 -14.09 -1.80
CA ILE A 343 -28.97 -13.49 -2.76
C ILE A 343 -30.26 -14.31 -2.72
N PHE A 344 -30.13 -15.62 -2.67
CA PHE A 344 -31.30 -16.48 -2.50
C PHE A 344 -32.08 -16.04 -1.25
N GLU A 345 -31.36 -15.82 -0.16
CA GLU A 345 -32.00 -15.41 1.10
C GLU A 345 -32.61 -14.01 0.98
N GLU A 346 -31.87 -13.06 0.39
CA GLU A 346 -32.40 -11.69 0.24
C GLU A 346 -33.68 -11.67 -0.56
N THR A 347 -33.80 -12.57 -1.53
CA THR A 347 -34.93 -12.53 -2.48
C THR A 347 -36.12 -13.39 -2.04
N ALA A 348 -35.95 -14.14 -0.96
CA ALA A 348 -37.00 -15.07 -0.48
C ALA A 348 -38.34 -14.41 -0.17
N ARG A 349 -38.31 -13.20 0.39
CA ARG A 349 -39.58 -12.57 0.80
C ARG A 349 -40.53 -12.24 -0.35
N PHE A 350 -40.03 -12.31 -1.58
CA PHE A 350 -40.84 -12.02 -2.78
C PHE A 350 -41.45 -13.26 -3.41
N GLN A 351 -41.05 -14.43 -2.93
CA GLN A 351 -41.57 -15.70 -3.48
C GLN A 351 -43.04 -15.89 -3.22
N PRO A 352 -43.77 -16.48 -4.19
CA PRO A 352 -45.21 -16.75 -4.00
C PRO A 352 -45.45 -17.59 -2.75
N GLY A 353 -44.66 -18.64 -2.56
CA GLY A 353 -44.85 -19.52 -1.40
C GLY A 353 -44.22 -19.09 -0.08
N TYR A 354 -43.80 -17.83 0.02
CA TYR A 354 -43.07 -17.33 1.20
C TYR A 354 -43.83 -17.47 2.53
N PRO B 7 37.92 -29.18 35.13
CA PRO B 7 37.36 -28.18 34.20
C PRO B 7 38.30 -27.01 33.96
N GLU B 8 38.38 -26.57 32.72
CA GLU B 8 39.21 -25.41 32.39
C GLU B 8 38.72 -24.14 33.08
N MET B 9 39.68 -23.29 33.39
CA MET B 9 39.43 -22.06 34.11
C MET B 9 40.10 -20.91 33.37
N VAL B 10 39.42 -19.78 33.31
CA VAL B 10 40.05 -18.58 32.76
C VAL B 10 39.79 -17.38 33.66
N ARG B 11 40.88 -16.76 34.11
CA ARG B 11 40.82 -15.57 34.96
C ARG B 11 39.77 -15.73 36.08
N GLY B 12 39.89 -16.85 36.81
CA GLY B 12 39.06 -17.13 37.99
C GLY B 12 37.70 -17.77 37.71
N GLN B 13 37.32 -17.86 36.45
CA GLN B 13 35.99 -18.32 36.05
C GLN B 13 36.01 -19.72 35.47
N VAL B 14 34.90 -20.43 35.59
CA VAL B 14 34.74 -21.72 34.94
C VAL B 14 34.43 -21.49 33.46
N PHE B 15 35.14 -22.22 32.60
CA PHE B 15 34.92 -22.17 31.17
C PHE B 15 35.03 -23.60 30.67
N ASP B 16 33.95 -24.34 30.88
CA ASP B 16 33.96 -25.79 30.81
C ASP B 16 33.72 -26.27 29.38
N VAL B 17 34.73 -26.10 28.54
CA VAL B 17 34.58 -26.43 27.13
C VAL B 17 35.20 -27.78 26.80
N GLY B 18 35.32 -28.58 27.85
CA GLY B 18 35.63 -30.00 27.77
C GLY B 18 36.98 -30.26 27.12
N PRO B 19 37.16 -31.50 26.61
CA PRO B 19 38.42 -31.93 26.01
C PRO B 19 38.60 -31.43 24.57
N ARG B 20 37.50 -31.15 23.88
CA ARG B 20 37.56 -30.70 22.49
C ARG B 20 38.26 -29.34 22.37
N TYR B 21 37.88 -28.41 23.24
CA TYR B 21 38.35 -27.04 23.12
C TYR B 21 39.33 -26.72 24.24
N THR B 22 40.57 -26.43 23.84
CA THR B 22 41.68 -26.22 24.78
C THR B 22 42.49 -24.96 24.45
N ASN B 23 43.52 -24.70 25.26
CA ASN B 23 44.43 -23.57 25.10
C ASN B 23 43.66 -22.25 25.00
N LEU B 24 42.83 -22.00 26.00
CA LEU B 24 41.93 -20.85 26.06
C LEU B 24 42.65 -19.53 26.29
N SER B 25 42.26 -18.52 25.52
CA SER B 25 42.69 -17.15 25.80
C SER B 25 41.46 -16.29 26.04
N TYR B 26 41.49 -15.51 27.12
CA TYR B 26 40.50 -14.49 27.39
C TYR B 26 40.51 -13.43 26.28
N ILE B 27 39.33 -13.13 25.75
CA ILE B 27 39.18 -12.04 24.79
C ILE B 27 38.56 -10.82 25.49
N GLY B 28 37.38 -10.99 26.05
CA GLY B 28 36.66 -9.88 26.61
C GLY B 28 35.34 -10.29 27.22
N GLU B 29 34.61 -9.30 27.72
CA GLU B 29 33.39 -9.52 28.46
C GLU B 29 32.21 -9.41 27.50
N GLY B 30 31.41 -10.48 27.44
CA GLY B 30 30.22 -10.50 26.58
C GLY B 30 29.01 -9.91 27.29
N ALA B 31 27.87 -9.89 26.60
CA ALA B 31 26.60 -9.52 27.23
C ALA B 31 26.33 -10.36 28.48
N TYR B 32 26.41 -11.69 28.35
CA TYR B 32 26.06 -12.59 29.48
C TYR B 32 27.18 -13.52 29.94
N GLY B 33 28.42 -13.07 29.79
CA GLY B 33 29.60 -13.82 30.25
C GLY B 33 30.83 -13.60 29.38
N MET B 34 31.95 -14.22 29.75
CA MET B 34 33.20 -13.99 29.03
C MET B 34 33.24 -14.65 27.64
N VAL B 35 34.11 -14.11 26.80
CA VAL B 35 34.40 -14.67 25.50
C VAL B 35 35.89 -15.03 25.48
N CYS B 36 36.19 -16.23 25.00
CA CYS B 36 37.57 -16.70 24.83
C CYS B 36 37.80 -17.16 23.41
N SER B 37 39.07 -17.17 22.99
CA SER B 37 39.47 -17.97 21.85
C SER B 37 39.89 -19.34 22.40
N ALA B 38 39.88 -20.36 21.54
CA ALA B 38 40.15 -21.75 21.93
C ALA B 38 40.64 -22.55 20.75
N TYR B 39 41.44 -23.58 21.02
CA TYR B 39 41.87 -24.49 19.96
C TYR B 39 40.91 -25.67 19.83
N ASP B 40 40.30 -25.80 18.65
CA ASP B 40 39.41 -26.93 18.36
C ASP B 40 40.27 -28.12 17.98
N ASN B 41 40.42 -29.06 18.91
CA ASN B 41 41.24 -30.26 18.67
C ASN B 41 40.72 -31.21 17.59
N VAL B 42 39.43 -31.11 17.28
CA VAL B 42 38.82 -31.86 16.19
C VAL B 42 39.09 -31.20 14.83
N ASN B 43 38.70 -29.93 14.70
CA ASN B 43 38.86 -29.20 13.44
C ASN B 43 40.26 -28.62 13.18
N LYS B 44 41.11 -28.63 14.21
CA LYS B 44 42.50 -28.14 14.12
C LYS B 44 42.62 -26.67 13.75
N VAL B 45 41.78 -25.84 14.40
CA VAL B 45 41.75 -24.40 14.18
C VAL B 45 41.32 -23.70 15.46
N ARG B 46 41.65 -22.43 15.60
CA ARG B 46 41.21 -21.67 16.76
C ARG B 46 39.88 -21.00 16.47
N VAL B 47 39.04 -20.98 17.49
CA VAL B 47 37.64 -20.61 17.35
C VAL B 47 37.32 -19.63 18.48
N ALA B 48 36.16 -18.98 18.41
CA ALA B 48 35.70 -18.18 19.51
C ALA B 48 34.66 -18.98 20.30
N ILE B 49 34.68 -18.83 21.62
CA ILE B 49 33.64 -19.40 22.46
C ILE B 49 33.09 -18.34 23.39
N LYS B 50 31.78 -18.15 23.34
CA LYS B 50 31.10 -17.21 24.22
C LYS B 50 30.31 -18.00 25.29
N LYS B 51 30.66 -17.78 26.56
CA LYS B 51 29.91 -18.34 27.70
C LYS B 51 28.70 -17.46 27.97
N ILE B 52 27.51 -18.03 27.89
CA ILE B 52 26.28 -17.29 28.11
C ILE B 52 25.55 -17.87 29.35
N SER B 53 25.21 -17.00 30.29
CA SER B 53 24.54 -17.37 31.56
C SER B 53 23.26 -16.54 31.72
N PRO B 54 22.18 -16.97 31.03
CA PRO B 54 21.02 -16.10 30.85
C PRO B 54 19.79 -16.45 31.71
N PHE B 55 19.86 -17.57 32.42
CA PHE B 55 18.66 -18.22 32.95
C PHE B 55 17.98 -17.53 34.14
N GLU B 56 18.70 -16.63 34.82
CA GLU B 56 18.14 -15.92 35.98
C GLU B 56 17.31 -14.67 35.61
N HIS B 57 17.14 -14.40 34.32
CA HIS B 57 16.28 -13.32 33.84
C HIS B 57 15.61 -13.69 32.52
N GLN B 58 14.30 -13.45 32.43
CA GLN B 58 13.55 -13.88 31.24
C GLN B 58 13.93 -13.10 29.96
N THR B 59 14.36 -11.86 30.13
CA THR B 59 14.75 -11.05 28.97
C THR B 59 16.04 -11.60 28.31
N TYR B 60 16.99 -12.03 29.14
CA TYR B 60 18.21 -12.68 28.64
C TYR B 60 17.92 -14.00 27.93
N CYS B 61 16.98 -14.79 28.48
CA CYS B 61 16.55 -16.04 27.84
C CYS B 61 15.88 -15.80 26.48
N GLN B 62 15.03 -14.78 26.43
CA GLN B 62 14.35 -14.38 25.21
C GLN B 62 15.37 -14.02 24.11
N ARG B 63 16.33 -13.16 24.46
CA ARG B 63 17.34 -12.68 23.51
C ARG B 63 18.25 -13.82 23.04
N THR B 64 18.60 -14.70 23.97
CA THR B 64 19.46 -15.84 23.69
C THR B 64 18.83 -16.84 22.72
N LEU B 65 17.55 -17.17 22.93
CA LEU B 65 16.86 -18.14 22.09
C LEU B 65 16.62 -17.57 20.70
N ARG B 66 16.25 -16.29 20.67
CA ARG B 66 16.05 -15.56 19.43
C ARG B 66 17.28 -15.70 18.58
N GLU B 67 18.44 -15.38 19.16
CA GLU B 67 19.68 -15.39 18.42
C GLU B 67 20.04 -16.80 17.92
N ILE B 68 19.88 -17.81 18.77
CA ILE B 68 20.25 -19.17 18.38
C ILE B 68 19.41 -19.67 17.21
N LYS B 69 18.08 -19.46 17.29
CA LYS B 69 17.19 -19.92 16.23
C LYS B 69 17.55 -19.27 14.89
N ILE B 70 17.78 -17.95 14.93
CA ILE B 70 18.09 -17.18 13.74
C ILE B 70 19.44 -17.62 13.13
N LEU B 71 20.47 -17.71 13.97
CA LEU B 71 21.81 -18.01 13.46
C LEU B 71 21.92 -19.45 12.99
N LEU B 72 21.23 -20.36 13.68
CA LEU B 72 21.14 -21.75 13.21
C LEU B 72 20.46 -21.89 11.85
N ARG B 73 19.56 -20.96 11.52
CA ARG B 73 18.87 -20.97 10.23
C ARG B 73 19.63 -20.26 9.12
N PHE B 74 20.29 -19.14 9.42
CA PHE B 74 21.00 -18.38 8.40
C PHE B 74 22.28 -19.07 7.93
N ARG B 75 22.65 -18.83 6.69
CA ARG B 75 23.89 -19.34 6.09
C ARG B 75 24.34 -18.33 5.07
N HIS B 76 25.25 -17.46 5.47
CA HIS B 76 25.72 -16.40 4.60
C HIS B 76 27.11 -16.00 5.10
N GLU B 77 28.02 -15.76 4.17
CA GLU B 77 29.40 -15.36 4.47
C GLU B 77 29.54 -14.16 5.41
N ASN B 78 28.61 -13.20 5.25
CA ASN B 78 28.66 -11.95 6.01
C ASN B 78 27.79 -11.98 7.27
N ILE B 79 27.45 -13.17 7.72
CA ILE B 79 26.70 -13.33 8.97
C ILE B 79 27.38 -14.41 9.79
N ILE B 80 27.65 -14.13 11.06
CA ILE B 80 28.28 -15.11 11.94
C ILE B 80 27.38 -16.36 12.03
N GLY B 81 28.02 -17.52 11.94
CA GLY B 81 27.33 -18.80 12.10
C GLY B 81 27.53 -19.36 13.49
N ILE B 82 26.88 -20.49 13.77
CA ILE B 82 27.12 -21.21 15.01
C ILE B 82 27.68 -22.59 14.66
N ASN B 83 28.90 -22.88 15.11
CA ASN B 83 29.57 -24.13 14.75
C ASN B 83 29.22 -25.27 15.68
N ASP B 84 28.99 -24.95 16.95
CA ASP B 84 28.83 -25.95 18.00
C ASP B 84 28.24 -25.26 19.22
N ILE B 85 27.51 -26.01 20.04
CA ILE B 85 27.01 -25.51 21.32
C ILE B 85 27.22 -26.55 22.43
N ILE B 86 27.84 -26.11 23.52
CA ILE B 86 28.12 -26.97 24.67
C ILE B 86 27.24 -26.54 25.85
N ARG B 87 26.47 -27.51 26.36
CA ARG B 87 25.75 -27.34 27.63
C ARG B 87 25.60 -28.69 28.35
N ALA B 88 25.05 -28.66 29.57
CA ALA B 88 24.88 -29.87 30.38
C ALA B 88 23.96 -30.92 29.73
N PRO B 89 24.17 -32.21 30.05
CA PRO B 89 23.23 -33.23 29.55
C PRO B 89 21.84 -33.15 30.20
N THR B 90 21.77 -32.59 31.41
CA THR B 90 20.51 -32.41 32.13
C THR B 90 20.16 -30.94 32.42
N ILE B 91 18.92 -30.58 32.11
CA ILE B 91 18.39 -29.20 32.28
C ILE B 91 18.74 -28.52 33.61
N GLU B 92 18.63 -29.24 34.72
CA GLU B 92 18.86 -28.67 36.05
C GLU B 92 20.34 -28.38 36.30
N GLN B 93 21.20 -29.17 35.65
CA GLN B 93 22.66 -28.99 35.72
C GLN B 93 23.13 -27.88 34.77
N MET B 94 22.27 -27.53 33.81
CA MET B 94 22.55 -26.47 32.84
C MET B 94 22.24 -25.10 33.41
N LYS B 95 23.31 -24.36 33.70
CA LYS B 95 23.19 -22.97 34.12
C LYS B 95 24.03 -22.06 33.20
N ASP B 96 24.74 -22.68 32.25
CA ASP B 96 25.60 -21.97 31.27
C ASP B 96 25.41 -22.58 29.88
N VAL B 97 25.61 -21.76 28.85
CA VAL B 97 25.61 -22.21 27.46
C VAL B 97 26.86 -21.67 26.76
N TYR B 98 27.63 -22.56 26.12
CA TYR B 98 28.82 -22.12 25.38
C TYR B 98 28.62 -22.21 23.87
N ILE B 99 28.53 -21.05 23.22
CA ILE B 99 28.35 -21.03 21.78
C ILE B 99 29.70 -20.85 21.09
N VAL B 100 30.02 -21.79 20.20
CA VAL B 100 31.28 -21.85 19.48
C VAL B 100 31.05 -21.26 18.08
N GLN B 101 31.90 -20.29 17.71
CA GLN B 101 31.78 -19.59 16.43
C GLN B 101 33.17 -19.42 15.81
N ASP B 102 33.21 -19.10 14.52
CA ASP B 102 34.45 -18.69 13.84
C ASP B 102 35.07 -17.56 14.64
N LEU B 103 36.37 -17.63 14.81
CA LEU B 103 37.08 -16.58 15.52
C LEU B 103 37.22 -15.35 14.61
N MET B 104 36.70 -14.23 15.10
CA MET B 104 36.87 -12.96 14.44
C MET B 104 37.66 -12.12 15.44
N GLU B 105 38.84 -11.68 15.03
CA GLU B 105 39.79 -11.11 15.94
C GLU B 105 39.48 -9.70 16.42
N THR B 106 38.62 -8.96 15.72
CA THR B 106 38.27 -7.62 16.15
C THR B 106 36.85 -7.31 15.66
N ASP B 107 36.48 -6.04 15.76
CA ASP B 107 35.17 -5.58 15.28
C ASP B 107 35.31 -4.13 14.88
N LEU B 108 34.33 -3.59 14.19
CA LEU B 108 34.44 -2.23 13.68
C LEU B 108 34.51 -1.19 14.80
N TYR B 109 33.89 -1.47 15.95
CA TYR B 109 33.99 -0.56 17.10
C TYR B 109 35.46 -0.43 17.52
N LYS B 110 36.10 -1.57 17.77
CA LYS B 110 37.51 -1.61 18.17
C LYS B 110 38.39 -0.94 17.13
N LEU B 111 38.21 -1.32 15.85
CA LEU B 111 38.97 -0.71 14.74
C LEU B 111 38.88 0.83 14.62
N LEU B 112 37.66 1.36 14.69
CA LEU B 112 37.43 2.82 14.60
C LEU B 112 38.01 3.60 15.80
N LYS B 113 38.26 2.91 16.89
CA LYS B 113 38.91 3.55 18.06
C LYS B 113 40.39 3.82 17.79
N THR B 114 41.01 2.96 17.00
CA THR B 114 42.46 3.01 16.79
C THR B 114 42.89 3.42 15.40
N GLN B 115 41.98 3.45 14.43
CA GLN B 115 42.39 3.62 13.04
C GLN B 115 41.48 4.53 12.25
N HIS B 116 42.08 5.41 11.47
CA HIS B 116 41.37 6.17 10.44
C HIS B 116 41.30 5.29 9.18
N LEU B 117 40.09 4.89 8.79
CA LEU B 117 39.90 4.04 7.61
C LEU B 117 40.16 4.75 6.28
N SER B 118 40.82 4.05 5.36
CA SER B 118 40.96 4.47 3.96
C SER B 118 39.62 4.41 3.23
N ASN B 119 39.45 5.23 2.18
CA ASN B 119 38.23 5.14 1.37
C ASN B 119 38.00 3.75 0.85
N ASP B 120 39.08 3.07 0.46
CA ASP B 120 39.01 1.70 -0.02
C ASP B 120 38.40 0.75 1.01
N HIS B 121 38.84 0.85 2.26
CA HIS B 121 38.31 -0.04 3.29
C HIS B 121 36.87 0.30 3.68
N ILE B 122 36.56 1.59 3.75
CA ILE B 122 35.18 2.01 4.02
C ILE B 122 34.23 1.39 2.97
N CYS B 123 34.57 1.59 1.69
CA CYS B 123 33.73 1.11 0.59
C CYS B 123 33.53 -0.40 0.73
N TYR B 124 34.63 -1.11 0.99
CA TYR B 124 34.63 -2.55 1.10
C TYR B 124 33.81 -3.05 2.29
N PHE B 125 33.99 -2.40 3.45
CA PHE B 125 33.17 -2.72 4.61
C PHE B 125 31.69 -2.46 4.34
N LEU B 126 31.38 -1.32 3.72
CA LEU B 126 30.00 -0.95 3.41
C LEU B 126 29.36 -2.00 2.49
N TYR B 127 30.13 -2.45 1.49
CA TYR B 127 29.62 -3.55 0.62
C TYR B 127 29.23 -4.77 1.41
N GLN B 128 30.12 -5.21 2.28
CA GLN B 128 29.90 -6.44 3.02
C GLN B 128 28.73 -6.36 4.00
N ILE B 129 28.61 -5.22 4.66
CA ILE B 129 27.43 -4.92 5.51
C ILE B 129 26.15 -5.07 4.69
N LEU B 130 26.10 -4.44 3.52
CA LEU B 130 24.86 -4.39 2.74
C LEU B 130 24.54 -5.74 2.08
N ARG B 131 25.58 -6.51 1.75
CA ARG B 131 25.43 -7.88 1.25
C ARG B 131 24.83 -8.81 2.29
N GLY B 132 25.32 -8.71 3.53
CA GLY B 132 24.77 -9.46 4.65
C GLY B 132 23.32 -9.07 4.98
N LEU B 133 23.07 -7.77 5.01
CA LEU B 133 21.74 -7.20 5.28
C LEU B 133 20.71 -7.57 4.19
N LYS B 134 21.17 -7.70 2.94
CA LYS B 134 20.32 -8.13 1.84
C LYS B 134 19.73 -9.49 2.17
N TYR B 135 20.58 -10.42 2.60
CA TYR B 135 20.16 -11.76 3.01
C TYR B 135 19.22 -11.72 4.22
N ILE B 136 19.61 -10.96 5.25
CA ILE B 136 18.77 -10.80 6.44
C ILE B 136 17.35 -10.34 6.04
N HIS B 137 17.27 -9.28 5.23
CA HIS B 137 15.99 -8.74 4.85
C HIS B 137 15.21 -9.68 3.93
N SER B 138 15.92 -10.48 3.12
CA SER B 138 15.31 -11.46 2.24
C SER B 138 14.65 -12.56 3.05
N ALA B 139 15.06 -12.71 4.30
CA ALA B 139 14.44 -13.70 5.17
C ALA B 139 13.29 -13.12 6.00
N ASN B 140 12.87 -11.92 5.61
CA ASN B 140 11.83 -11.16 6.29
C ASN B 140 12.18 -10.86 7.76
N VAL B 141 13.45 -10.57 8.01
CA VAL B 141 13.92 -10.29 9.38
C VAL B 141 14.46 -8.86 9.44
N LEU B 142 14.15 -8.14 10.52
CA LEU B 142 14.79 -6.87 10.83
C LEU B 142 15.86 -7.14 11.89
N HIS B 143 17.08 -6.66 11.66
CA HIS B 143 18.13 -6.83 12.66
C HIS B 143 17.83 -6.00 13.93
N ARG B 144 17.62 -4.69 13.73
CA ARG B 144 17.19 -3.71 14.75
C ARG B 144 18.26 -3.17 15.68
N ASP B 145 19.47 -3.74 15.63
CA ASP B 145 20.56 -3.33 16.53
C ASP B 145 21.91 -3.30 15.81
N LEU B 146 21.93 -2.79 14.58
CA LEU B 146 23.18 -2.74 13.84
C LEU B 146 24.01 -1.57 14.34
N LYS B 147 25.29 -1.83 14.60
CA LYS B 147 26.18 -0.80 15.15
C LYS B 147 27.59 -1.35 14.96
N PRO B 148 28.62 -0.49 15.06
CA PRO B 148 30.01 -0.96 14.85
C PRO B 148 30.39 -2.19 15.67
N SER B 149 30.01 -2.26 16.94
CA SER B 149 30.38 -3.43 17.77
C SER B 149 29.72 -4.76 17.33
N ASN B 150 28.66 -4.68 16.53
CA ASN B 150 27.97 -5.86 15.99
C ASN B 150 28.46 -6.23 14.58
N LEU B 151 29.54 -5.60 14.13
CA LEU B 151 30.15 -5.95 12.84
C LEU B 151 31.54 -6.51 13.14
N LEU B 152 31.63 -7.83 13.12
CA LEU B 152 32.87 -8.54 13.42
C LEU B 152 33.80 -8.47 12.21
N LEU B 153 35.10 -8.42 12.48
CA LEU B 153 36.09 -8.40 11.41
C LEU B 153 37.19 -9.39 11.74
N ASN B 154 37.73 -10.07 10.74
CA ASN B 154 38.93 -10.89 10.96
C ASN B 154 40.16 -10.07 10.59
N THR B 155 41.32 -10.71 10.41
CA THR B 155 42.52 -9.96 10.07
C THR B 155 42.64 -9.58 8.58
N THR B 156 41.78 -10.15 7.73
CA THR B 156 41.82 -9.82 6.29
C THR B 156 40.58 -9.05 5.78
N CYS B 157 39.98 -8.27 6.67
CA CYS B 157 38.89 -7.37 6.35
C CYS B 157 37.57 -8.08 5.97
N ASP B 158 37.47 -9.37 6.28
CA ASP B 158 36.18 -10.08 6.13
C ASP B 158 35.29 -9.65 7.27
N LEU B 159 34.04 -9.31 6.93
CA LEU B 159 33.09 -8.77 7.89
C LEU B 159 31.89 -9.72 8.07
N LYS B 160 31.47 -9.90 9.33
CA LYS B 160 30.31 -10.72 9.66
C LYS B 160 29.42 -9.97 10.66
N ILE B 161 28.14 -9.85 10.33
CA ILE B 161 27.13 -9.25 11.23
C ILE B 161 26.81 -10.25 12.35
N CYS B 162 26.69 -9.76 13.59
CA CYS B 162 26.28 -10.61 14.70
C CYS B 162 25.25 -9.89 15.55
N ASP B 163 24.86 -10.54 16.66
CA ASP B 163 23.94 -10.00 17.69
C ASP B 163 22.51 -9.87 17.19
N PHE B 164 21.81 -10.98 17.09
CA PHE B 164 20.43 -11.00 16.62
C PHE B 164 19.43 -11.12 17.76
N GLY B 165 19.89 -10.83 18.97
CA GLY B 165 19.06 -10.89 20.17
C GLY B 165 17.84 -9.98 20.13
N LEU B 166 17.93 -8.91 19.34
CA LEU B 166 16.84 -7.94 19.23
C LEU B 166 16.07 -8.05 17.92
N ALA B 167 16.40 -9.07 17.14
CA ALA B 167 15.87 -9.19 15.78
C ALA B 167 14.38 -9.54 15.79
N ARG B 168 13.66 -9.12 14.77
CA ARG B 168 12.25 -9.48 14.59
C ARG B 168 11.90 -9.85 13.15
N VAL B 169 10.89 -10.69 12.98
CA VAL B 169 10.26 -10.86 11.66
C VAL B 169 9.55 -9.55 11.34
N ALA B 170 9.69 -9.06 10.11
CA ALA B 170 8.99 -7.85 9.67
C ALA B 170 7.48 -8.05 9.78
N ASP B 171 6.76 -7.04 10.29
CA ASP B 171 5.31 -7.17 10.54
C ASP B 171 4.55 -5.84 10.72
N PRO B 172 4.84 -4.83 9.88
CA PRO B 172 4.10 -3.57 10.06
C PRO B 172 2.73 -3.59 9.37
N THR B 186 22.93 0.77 23.34
CA THR B 186 23.51 1.85 22.47
C THR B 186 22.38 2.44 21.63
N ARG B 187 22.21 3.75 21.67
CA ARG B 187 21.06 4.41 21.04
C ARG B 187 21.38 5.12 19.73
N TRP B 188 22.66 5.34 19.47
CA TRP B 188 23.10 6.30 18.45
C TRP B 188 22.78 5.94 16.99
N TYR B 189 22.47 4.66 16.74
CA TYR B 189 22.20 4.22 15.38
C TYR B 189 20.71 3.98 15.16
N ARG B 190 19.89 4.42 16.11
CA ARG B 190 18.44 4.20 15.99
C ARG B 190 17.74 5.23 15.13
N ALA B 191 16.81 4.75 14.29
CA ALA B 191 16.16 5.61 13.29
C ALA B 191 15.24 6.59 14.04
N PRO B 192 14.97 7.76 13.45
CA PRO B 192 14.15 8.74 14.14
C PRO B 192 12.72 8.22 14.40
N GLU B 193 12.17 7.41 13.48
CA GLU B 193 10.80 6.84 13.69
C GLU B 193 10.73 5.97 14.93
N ILE B 194 11.85 5.34 15.29
CA ILE B 194 11.96 4.59 16.54
C ILE B 194 12.00 5.54 17.73
N MET B 195 12.84 6.57 17.64
CA MET B 195 13.01 7.48 18.76
C MET B 195 11.77 8.29 19.01
N LEU B 196 10.97 8.49 17.97
CA LEU B 196 9.76 9.30 18.06
C LEU B 196 8.51 8.43 18.30
N ASN B 197 8.73 7.13 18.52
CA ASN B 197 7.65 6.18 18.85
C ASN B 197 6.55 6.15 17.79
N SER B 198 6.94 6.21 16.52
CA SER B 198 5.96 6.18 15.45
C SER B 198 5.37 4.76 15.39
N LYS B 199 4.11 4.64 15.01
CA LYS B 199 3.50 3.31 14.82
C LYS B 199 3.92 2.74 13.46
N GLY B 200 4.52 1.54 13.45
CA GLY B 200 4.70 0.73 12.21
C GLY B 200 6.02 0.68 11.44
N TYR B 201 7.10 0.25 12.09
CA TYR B 201 8.47 0.29 11.50
C TYR B 201 8.71 -0.79 10.46
N THR B 202 9.57 -0.49 9.48
CA THR B 202 9.95 -1.48 8.47
C THR B 202 11.45 -1.76 8.47
N LYS B 203 11.87 -2.53 7.48
CA LYS B 203 13.27 -2.83 7.19
C LYS B 203 14.11 -1.56 7.09
N SER B 204 13.45 -0.43 6.82
CA SER B 204 14.20 0.81 6.62
C SER B 204 14.92 1.30 7.88
N ILE B 205 14.49 0.84 9.06
CA ILE B 205 15.23 1.21 10.28
C ILE B 205 16.67 0.65 10.25
N ASP B 206 16.87 -0.49 9.59
CA ASP B 206 18.24 -1.07 9.46
C ASP B 206 19.10 -0.21 8.52
N ILE B 207 18.49 0.28 7.45
CA ILE B 207 19.20 1.12 6.48
C ILE B 207 19.66 2.44 7.15
N TRP B 208 18.80 3.02 7.99
CA TRP B 208 19.20 4.20 8.78
C TRP B 208 20.47 3.89 9.59
N SER B 209 20.47 2.72 10.24
CA SER B 209 21.62 2.35 11.10
C SER B 209 22.89 2.21 10.25
N VAL B 210 22.75 1.61 9.06
CA VAL B 210 23.90 1.49 8.13
C VAL B 210 24.45 2.86 7.72
N GLY B 211 23.56 3.81 7.48
CA GLY B 211 23.91 5.20 7.23
C GLY B 211 24.76 5.82 8.34
N CYS B 212 24.31 5.63 9.59
CA CYS B 212 25.03 6.11 10.77
C CYS B 212 26.43 5.45 10.85
N ILE B 213 26.53 4.18 10.46
CA ILE B 213 27.81 3.44 10.45
C ILE B 213 28.74 3.99 9.37
N LEU B 214 28.19 4.28 8.18
CA LEU B 214 28.97 4.89 7.10
C LEU B 214 29.51 6.25 7.53
N ALA B 215 28.65 7.08 8.13
CA ALA B 215 29.08 8.38 8.59
C ALA B 215 30.19 8.23 9.63
N GLU B 216 30.07 7.24 10.49
CA GLU B 216 31.06 7.02 11.54
C GLU B 216 32.41 6.51 10.99
N MET B 217 32.36 5.62 9.99
CA MET B 217 33.58 5.23 9.26
C MET B 217 34.29 6.42 8.62
N LEU B 218 33.50 7.39 8.17
CA LEU B 218 34.06 8.57 7.50
C LEU B 218 34.68 9.59 8.45
N SER B 219 34.47 9.44 9.75
CA SER B 219 34.95 10.45 10.71
C SER B 219 35.42 9.98 12.09
N ASN B 220 35.35 8.68 12.39
CA ASN B 220 35.65 8.14 13.74
C ASN B 220 34.99 8.85 14.94
N ARG B 221 33.78 9.37 14.72
CA ARG B 221 32.91 9.70 15.83
C ARG B 221 31.47 9.42 15.37
N PRO B 222 30.61 8.97 16.28
CA PRO B 222 29.19 8.84 15.97
C PRO B 222 28.62 10.15 15.45
N ILE B 223 27.81 10.11 14.41
CA ILE B 223 27.29 11.31 13.79
C ILE B 223 26.10 11.91 14.56
N PHE B 224 25.34 11.06 15.22
CA PHE B 224 24.17 11.51 15.97
C PHE B 224 24.24 11.07 17.44
N PRO B 225 25.20 11.65 18.19
CA PRO B 225 25.27 11.30 19.60
C PRO B 225 24.25 12.08 20.44
N GLY B 226 24.17 11.76 21.73
CA GLY B 226 23.34 12.52 22.66
C GLY B 226 23.05 11.67 23.88
N LYS B 227 22.83 12.36 25.00
CA LYS B 227 22.57 11.69 26.26
C LYS B 227 21.18 11.05 26.31
N HIS B 228 20.23 11.61 25.56
CA HIS B 228 18.94 10.94 25.35
C HIS B 228 18.39 11.22 23.95
N TYR B 229 17.30 10.54 23.61
CA TYR B 229 16.65 10.67 22.29
C TYR B 229 16.44 12.11 21.88
N LEU B 230 15.99 12.96 22.80
CA LEU B 230 15.72 14.35 22.45
C LEU B 230 17.01 15.07 22.02
N ASP B 231 18.12 14.69 22.65
CA ASP B 231 19.40 15.25 22.30
C ASP B 231 19.92 14.77 20.92
N GLN B 232 19.80 13.47 20.68
CA GLN B 232 20.14 12.85 19.39
C GLN B 232 19.31 13.47 18.27
N LEU B 233 18.01 13.65 18.51
CA LEU B 233 17.13 14.31 17.54
C LEU B 233 17.60 15.71 17.15
N ASN B 234 18.12 16.48 18.11
CA ASN B 234 18.70 17.81 17.78
C ASN B 234 19.90 17.71 16.82
N HIS B 235 20.75 16.71 17.04
CA HIS B 235 21.88 16.48 16.14
C HIS B 235 21.40 16.08 14.76
N ILE B 236 20.43 15.17 14.70
CA ILE B 236 19.86 14.74 13.44
C ILE B 236 19.31 15.93 12.67
N LEU B 237 18.44 16.72 13.30
CA LEU B 237 17.81 17.84 12.61
C LEU B 237 18.78 18.96 12.29
N GLY B 238 19.85 19.08 13.10
CA GLY B 238 20.91 20.05 12.86
C GLY B 238 21.73 19.77 11.62
N ILE B 239 21.65 18.55 11.11
CA ILE B 239 22.28 18.18 9.84
C ILE B 239 21.29 18.05 8.66
N LEU B 240 20.20 17.31 8.88
CA LEU B 240 19.22 17.03 7.81
C LEU B 240 18.33 18.22 7.54
N GLY B 241 18.27 19.13 8.50
CA GLY B 241 17.32 20.24 8.45
C GLY B 241 15.98 19.81 9.01
N SER B 242 15.12 20.79 9.28
CA SER B 242 13.76 20.51 9.77
C SER B 242 12.96 19.68 8.76
N PRO B 243 12.10 18.76 9.26
CA PRO B 243 11.31 17.98 8.33
C PRO B 243 10.33 18.88 7.59
N SER B 244 10.10 18.57 6.32
CA SER B 244 9.02 19.19 5.56
C SER B 244 7.69 18.75 6.21
N GLN B 245 6.59 19.39 5.84
CA GLN B 245 5.27 19.01 6.36
C GLN B 245 4.93 17.55 6.06
N GLU B 246 5.06 17.16 4.79
CA GLU B 246 4.84 15.79 4.37
C GLU B 246 5.60 14.79 5.25
N ASP B 247 6.86 15.09 5.54
CA ASP B 247 7.69 14.18 6.32
C ASP B 247 7.33 14.21 7.84
N LEU B 248 7.03 15.38 8.36
CA LEU B 248 6.48 15.48 9.72
C LEU B 248 5.23 14.60 9.87
N ASN B 249 4.36 14.61 8.87
CA ASN B 249 3.12 13.85 8.89
C ASN B 249 3.29 12.32 8.91
N CYS B 250 4.47 11.86 8.48
CA CYS B 250 4.82 10.42 8.48
C CYS B 250 5.01 9.85 9.89
N ILE B 251 5.12 10.72 10.87
CA ILE B 251 5.32 10.30 12.24
C ILE B 251 3.98 10.06 12.88
N ILE B 252 3.66 8.79 13.09
CA ILE B 252 2.34 8.41 13.57
C ILE B 252 2.35 8.38 15.10
N ASN B 253 2.39 9.57 15.65
CA ASN B 253 2.47 9.79 17.08
C ASN B 253 2.26 11.26 17.34
N LEU B 254 1.08 11.64 17.83
CA LEU B 254 0.78 13.07 18.03
C LEU B 254 1.79 13.84 18.91
N LYS B 255 2.16 13.26 20.05
CA LYS B 255 3.06 14.00 20.97
C LYS B 255 4.40 14.30 20.30
N ALA B 256 4.84 13.36 19.46
CA ALA B 256 6.11 13.50 18.71
C ALA B 256 6.01 14.62 17.67
N ARG B 257 4.89 14.65 16.94
CA ARG B 257 4.70 15.73 15.97
C ARG B 257 4.65 17.09 16.67
N ASN B 258 3.89 17.19 17.76
CA ASN B 258 3.90 18.41 18.57
C ASN B 258 5.32 18.78 19.01
N TYR B 259 6.06 17.78 19.50
CA TYR B 259 7.45 18.02 19.93
C TYR B 259 8.30 18.58 18.80
N LEU B 260 8.28 17.94 17.64
CA LEU B 260 9.04 18.44 16.50
C LEU B 260 8.64 19.87 16.10
N LEU B 261 7.36 20.20 16.23
CA LEU B 261 6.89 21.53 15.82
C LEU B 261 7.35 22.59 16.80
N SER B 262 7.68 22.18 18.02
CA SER B 262 8.16 23.13 19.04
C SER B 262 9.59 23.63 18.78
N LEU B 263 10.31 22.96 17.88
CA LEU B 263 11.75 23.28 17.67
C LEU B 263 11.96 24.41 16.66
N PRO B 264 13.05 25.19 16.82
CA PRO B 264 13.35 26.24 15.82
C PRO B 264 13.67 25.64 14.44
N HIS B 265 13.50 26.42 13.37
CA HIS B 265 13.82 25.93 12.04
C HIS B 265 15.32 25.70 11.90
N LYS B 266 15.68 24.63 11.20
CA LYS B 266 17.08 24.27 10.94
C LYS B 266 17.22 24.00 9.46
N ASN B 267 18.28 24.52 8.84
CA ASN B 267 18.52 24.24 7.42
C ASN B 267 19.37 22.98 7.27
N LYS B 268 19.17 22.25 6.17
CA LYS B 268 20.00 21.09 5.85
C LYS B 268 21.44 21.54 5.66
N VAL B 269 22.36 20.82 6.30
CA VAL B 269 23.80 21.00 6.07
C VAL B 269 24.25 20.01 4.99
N PRO B 270 24.88 20.51 3.90
CA PRO B 270 25.40 19.59 2.89
C PRO B 270 26.41 18.62 3.51
N TRP B 271 26.39 17.38 3.08
CA TRP B 271 27.29 16.37 3.63
C TRP B 271 28.80 16.71 3.49
N ASN B 272 29.16 17.34 2.37
CA ASN B 272 30.55 17.72 2.11
C ASN B 272 31.15 18.75 3.07
N ARG B 273 30.29 19.50 3.75
CA ARG B 273 30.75 20.41 4.80
C ARG B 273 31.19 19.63 6.04
N LEU B 274 30.49 18.53 6.33
CA LEU B 274 30.84 17.69 7.47
C LEU B 274 31.98 16.73 7.14
N PHE B 275 32.00 16.27 5.89
CA PHE B 275 33.00 15.29 5.45
C PHE B 275 33.75 15.75 4.19
N PRO B 276 34.78 16.61 4.36
CA PRO B 276 35.48 17.17 3.19
C PRO B 276 36.37 16.15 2.48
N ASN B 277 36.90 15.19 3.24
CA ASN B 277 37.79 14.16 2.70
C ASN B 277 37.08 12.97 2.05
N ALA B 278 35.75 12.96 2.06
CA ALA B 278 34.98 11.79 1.60
C ALA B 278 34.73 11.77 0.09
N ASP B 279 34.71 10.56 -0.47
CA ASP B 279 34.29 10.32 -1.84
C ASP B 279 32.88 10.86 -2.01
N SER B 280 32.69 11.68 -3.04
CA SER B 280 31.40 12.29 -3.36
C SER B 280 30.30 11.25 -3.59
N LYS B 281 30.70 10.08 -4.10
CA LYS B 281 29.77 8.97 -4.30
C LYS B 281 29.32 8.36 -2.97
N ALA B 282 30.24 8.26 -2.01
CA ALA B 282 29.87 7.81 -0.66
C ALA B 282 28.87 8.78 -0.04
N LEU B 283 29.09 10.08 -0.21
CA LEU B 283 28.19 11.08 0.40
C LEU B 283 26.81 11.11 -0.25
N ASP B 284 26.76 10.83 -1.55
CA ASP B 284 25.48 10.62 -2.23
C ASP B 284 24.69 9.43 -1.65
N LEU B 285 25.34 8.28 -1.46
CA LEU B 285 24.66 7.12 -0.90
C LEU B 285 24.26 7.39 0.57
N LEU B 286 25.17 8.00 1.33
CA LEU B 286 24.92 8.42 2.70
C LEU B 286 23.64 9.25 2.80
N ASP B 287 23.54 10.28 1.98
CA ASP B 287 22.34 11.12 1.91
C ASP B 287 21.05 10.31 1.66
N LYS B 288 21.15 9.26 0.88
CA LYS B 288 19.99 8.42 0.57
C LYS B 288 19.62 7.45 1.68
N MET B 289 20.59 7.08 2.53
CA MET B 289 20.30 6.19 3.64
C MET B 289 19.80 6.95 4.86
N LEU B 290 20.19 8.22 4.96
CA LEU B 290 19.84 9.06 6.10
C LEU B 290 18.76 10.08 5.71
N THR B 291 17.62 9.58 5.26
CA THR B 291 16.48 10.48 5.06
C THR B 291 15.55 10.27 6.24
N PHE B 292 15.03 11.36 6.76
CA PHE B 292 14.10 11.35 7.89
C PHE B 292 12.90 10.43 7.64
N ASN B 293 12.29 10.55 6.47
CA ASN B 293 11.12 9.75 6.10
C ASN B 293 11.54 8.35 5.67
N PRO B 294 11.12 7.30 6.40
CA PRO B 294 11.46 5.91 6.08
C PRO B 294 10.98 5.48 4.71
N HIS B 295 9.87 6.08 4.25
CA HIS B 295 9.30 5.77 2.94
C HIS B 295 10.18 6.31 1.79
N LYS B 296 11.03 7.29 2.07
CA LYS B 296 11.91 7.86 1.05
C LYS B 296 13.35 7.32 1.12
N ARG B 297 13.58 6.40 2.04
CA ARG B 297 14.93 5.93 2.36
C ARG B 297 15.25 4.78 1.42
N ILE B 298 16.49 4.75 0.94
CA ILE B 298 16.94 3.71 0.00
C ILE B 298 16.78 2.32 0.60
N GLU B 299 16.48 1.34 -0.26
CA GLU B 299 16.38 -0.04 0.18
C GLU B 299 17.75 -0.69 -0.02
N VAL B 300 17.96 -1.85 0.59
CA VAL B 300 19.26 -2.53 0.57
C VAL B 300 19.72 -2.91 -0.85
N GLU B 301 18.80 -3.48 -1.64
CA GLU B 301 19.12 -3.86 -3.02
C GLU B 301 19.51 -2.65 -3.88
N GLN B 302 18.82 -1.52 -3.68
CA GLN B 302 19.16 -0.26 -4.35
C GLN B 302 20.47 0.35 -3.88
N ALA B 303 20.78 0.20 -2.60
CA ALA B 303 22.06 0.65 -2.08
C ALA B 303 23.20 -0.16 -2.72
N LEU B 304 23.04 -1.47 -2.78
CA LEU B 304 24.07 -2.31 -3.43
C LEU B 304 24.37 -1.89 -4.89
N ALA B 305 23.31 -1.46 -5.59
CA ALA B 305 23.41 -0.97 -6.98
C ALA B 305 23.88 0.46 -7.15
N HIS B 306 24.12 1.19 -6.06
CA HIS B 306 24.57 2.58 -6.14
C HIS B 306 26.00 2.66 -6.69
N PRO B 307 26.35 3.72 -7.46
CA PRO B 307 27.68 3.91 -8.04
C PRO B 307 28.84 3.80 -7.06
N TYR B 308 28.62 4.15 -5.80
CA TYR B 308 29.68 4.01 -4.81
C TYR B 308 30.20 2.58 -4.77
N LEU B 309 29.32 1.60 -4.92
CA LEU B 309 29.71 0.20 -4.75
C LEU B 309 29.96 -0.52 -6.09
N GLU B 310 30.12 0.27 -7.16
CA GLU B 310 30.29 -0.26 -8.53
C GLU B 310 31.27 -1.43 -8.64
N GLN B 311 32.39 -1.36 -7.94
CA GLN B 311 33.43 -2.39 -8.07
C GLN B 311 33.13 -3.76 -7.44
N TYR B 312 32.11 -3.83 -6.57
CA TYR B 312 31.74 -5.07 -5.90
C TYR B 312 30.40 -5.65 -6.33
N TYR B 313 29.55 -4.75 -6.82
CA TYR B 313 28.17 -5.07 -7.13
C TYR B 313 28.05 -6.26 -8.09
N ASP B 314 27.43 -7.32 -7.61
CA ASP B 314 27.33 -8.59 -8.33
C ASP B 314 26.14 -9.36 -7.82
N PRO B 315 24.93 -9.04 -8.32
CA PRO B 315 23.69 -9.68 -7.85
C PRO B 315 23.73 -11.19 -7.82
N SER B 316 24.40 -11.81 -8.80
CA SER B 316 24.53 -13.28 -8.82
C SER B 316 25.37 -13.79 -7.65
N ASP B 317 26.23 -12.92 -7.11
CA ASP B 317 27.12 -13.28 -6.00
C ASP B 317 26.68 -12.59 -4.70
N GLU B 318 25.42 -12.13 -4.68
CA GLU B 318 24.81 -11.48 -3.50
C GLU B 318 23.53 -12.23 -3.13
N PRO B 319 23.66 -13.39 -2.45
CA PRO B 319 22.56 -14.34 -2.36
C PRO B 319 21.50 -14.03 -1.31
N ILE B 320 20.34 -14.66 -1.46
CA ILE B 320 19.22 -14.45 -0.54
C ILE B 320 18.80 -15.72 0.21
N ALA B 321 17.93 -15.56 1.23
CA ALA B 321 17.49 -16.70 2.04
C ALA B 321 16.62 -17.67 1.21
N GLU B 322 16.58 -18.93 1.65
CA GLU B 322 15.75 -19.97 1.01
C GLU B 322 14.26 -19.68 1.20
N ALA B 323 13.88 -19.42 2.45
CA ALA B 323 12.51 -19.08 2.81
C ALA B 323 12.49 -17.99 3.89
N PRO B 324 11.47 -17.10 3.87
CA PRO B 324 11.29 -16.17 4.99
C PRO B 324 11.36 -16.90 6.33
N PHE B 325 11.88 -16.21 7.34
CA PHE B 325 12.08 -16.80 8.65
C PHE B 325 10.81 -16.70 9.47
N LYS B 326 10.40 -17.84 10.04
CA LYS B 326 9.17 -17.92 10.82
C LYS B 326 9.48 -18.33 12.25
N PHE B 327 8.97 -17.57 13.21
CA PHE B 327 8.99 -18.00 14.60
C PHE B 327 7.76 -18.85 14.88
N ASP B 328 7.99 -20.12 15.18
CA ASP B 328 6.94 -21.09 15.49
C ASP B 328 6.04 -20.67 16.67
N MET B 329 6.39 -19.54 17.28
CA MET B 329 5.68 -18.97 18.44
C MET B 329 6.15 -17.54 18.74
N GLU B 330 5.36 -16.81 19.53
CA GLU B 330 5.79 -15.52 20.08
C GLU B 330 6.58 -15.78 21.36
N LEU B 331 7.87 -15.43 21.32
CA LEU B 331 8.77 -15.68 22.43
C LEU B 331 8.71 -14.53 23.43
N ASP B 332 8.19 -13.41 22.95
CA ASP B 332 8.09 -12.16 23.71
C ASP B 332 7.18 -12.21 24.95
N ASP B 333 6.41 -13.29 25.10
CA ASP B 333 5.53 -13.47 26.26
C ASP B 333 5.55 -14.88 26.86
N LEU B 334 6.75 -15.42 27.06
CA LEU B 334 6.93 -16.74 27.68
C LEU B 334 7.88 -16.63 28.88
N PRO B 335 7.51 -17.23 30.04
CA PRO B 335 8.34 -17.10 31.26
C PRO B 335 9.72 -17.77 31.15
N LYS B 336 10.67 -17.32 31.98
CA LYS B 336 12.08 -17.74 31.89
C LYS B 336 12.35 -19.24 32.02
N GLU B 337 11.48 -19.95 32.74
CA GLU B 337 11.63 -21.39 32.90
C GLU B 337 11.10 -22.17 31.69
N LYS B 338 10.19 -21.56 30.93
CA LYS B 338 9.73 -22.15 29.65
C LYS B 338 10.77 -21.94 28.54
N LEU B 339 11.35 -20.74 28.48
CA LEU B 339 12.40 -20.42 27.49
C LEU B 339 13.61 -21.32 27.70
N LYS B 340 13.95 -21.56 28.97
CA LYS B 340 14.99 -22.51 29.35
C LYS B 340 14.77 -23.86 28.68
N GLU B 341 13.52 -24.32 28.65
CA GLU B 341 13.17 -25.61 28.05
C GLU B 341 13.47 -25.60 26.56
N LEU B 342 13.09 -24.51 25.90
CA LEU B 342 13.26 -24.38 24.45
C LEU B 342 14.72 -24.20 24.05
N ILE B 343 15.50 -23.48 24.88
CA ILE B 343 16.95 -23.40 24.68
C ILE B 343 17.54 -24.81 24.75
N PHE B 344 17.34 -25.49 25.87
CA PHE B 344 17.75 -26.90 26.04
C PHE B 344 17.35 -27.75 24.83
N GLU B 345 16.19 -27.47 24.25
CA GLU B 345 15.69 -28.20 23.08
C GLU B 345 16.39 -27.80 21.77
N GLU B 346 16.62 -26.50 21.58
CA GLU B 346 17.25 -25.98 20.36
C GLU B 346 18.70 -26.45 20.21
N THR B 347 19.32 -26.74 21.34
CA THR B 347 20.74 -27.04 21.42
C THR B 347 20.97 -28.55 21.49
N ALA B 348 19.89 -29.31 21.28
CA ALA B 348 19.94 -30.77 21.37
C ALA B 348 20.75 -31.39 20.23
N ARG B 349 20.66 -30.81 19.04
CA ARG B 349 21.36 -31.32 17.85
C ARG B 349 22.90 -31.38 17.97
N PHE B 350 23.45 -30.81 19.05
CA PHE B 350 24.90 -30.75 19.26
C PHE B 350 25.41 -31.70 20.36
N GLN B 351 24.49 -32.29 21.11
CA GLN B 351 24.84 -33.22 22.21
C GLN B 351 25.61 -34.45 21.73
N PRO B 352 26.53 -34.96 22.56
CA PRO B 352 27.37 -36.14 22.27
C PRO B 352 26.59 -37.33 21.69
N GLY B 353 25.61 -37.82 22.43
CA GLY B 353 24.83 -38.98 22.02
C GLY B 353 23.74 -38.70 20.99
N TYR B 354 23.97 -37.70 20.14
CA TYR B 354 23.06 -37.33 19.03
C TYR B 354 21.80 -36.63 19.56
N GLY C 1 12.45 1.46 -31.06
CA GLY C 1 13.19 0.19 -31.33
C GLY C 1 13.71 -0.45 -30.07
N MET C 2 14.50 -1.49 -30.26
CA MET C 2 14.95 -2.29 -29.14
C MET C 2 15.73 -1.45 -28.11
N ALA C 3 16.47 -0.43 -28.55
CA ALA C 3 17.28 0.36 -27.60
C ALA C 3 16.39 1.22 -26.69
N GLU C 4 15.41 1.89 -27.31
CA GLU C 4 14.49 2.73 -26.57
C GLU C 4 13.68 1.91 -25.59
N TYR C 5 13.32 0.68 -25.97
CA TYR C 5 12.58 -0.22 -25.11
C TYR C 5 13.44 -0.72 -23.92
N GLY C 6 14.69 -1.07 -24.19
CA GLY C 6 15.65 -1.38 -23.12
C GLY C 6 15.76 -0.23 -22.10
N THR C 7 15.88 0.99 -22.60
CA THR C 7 16.00 2.14 -21.74
C THR C 7 14.73 2.31 -20.92
N LEU C 8 13.57 2.15 -21.57
CA LEU C 8 12.30 2.18 -20.83
C LEU C 8 12.26 1.18 -19.68
N LEU C 9 12.63 -0.08 -19.91
CA LEU C 9 12.54 -1.05 -18.83
C LEU C 9 13.55 -0.70 -17.71
N GLN C 10 14.72 -0.18 -18.10
CA GLN C 10 15.69 0.30 -17.10
C GLN C 10 15.11 1.45 -16.28
N ASP C 11 14.53 2.44 -16.97
CA ASP C 11 13.94 3.60 -16.29
C ASP C 11 12.89 3.16 -15.27
N LEU C 12 12.01 2.26 -15.70
CA LEU C 12 10.96 1.74 -14.82
C LEU C 12 11.53 0.98 -13.63
N THR C 13 12.47 0.07 -13.87
CA THR C 13 13.02 -0.71 -12.78
C THR C 13 13.74 0.16 -11.76
N ASN C 14 14.35 1.24 -12.25
CA ASN C 14 15.04 2.23 -11.41
C ASN C 14 14.08 2.92 -10.45
N ASN C 15 12.79 2.90 -10.80
CA ASN C 15 11.77 3.59 -10.03
C ASN C 15 10.77 2.64 -9.36
N ILE C 16 11.14 1.36 -9.25
CA ILE C 16 10.33 0.33 -8.61
C ILE C 16 11.10 -0.26 -7.44
N THR C 17 10.65 0.04 -6.22
CA THR C 17 11.25 -0.53 -5.03
C THR C 17 10.75 -1.94 -4.87
N LEU C 18 11.40 -2.71 -4.00
CA LEU C 18 10.96 -4.06 -3.72
C LEU C 18 9.54 -4.02 -3.12
N GLU C 19 9.29 -3.02 -2.29
CA GLU C 19 7.97 -2.78 -1.72
C GLU C 19 6.96 -2.49 -2.85
N ASP C 20 7.33 -1.59 -3.76
CA ASP C 20 6.56 -1.29 -4.98
C ASP C 20 6.26 -2.58 -5.74
N LEU C 21 7.27 -3.42 -5.91
CA LEU C 21 7.17 -4.63 -6.73
C LEU C 21 6.15 -5.67 -6.25
N GLU C 22 6.02 -5.83 -4.93
CA GLU C 22 5.02 -6.75 -4.34
C GLU C 22 3.60 -6.36 -4.75
N GLN C 23 3.36 -5.05 -4.81
CA GLN C 23 2.11 -4.48 -5.31
C GLN C 23 1.84 -4.80 -6.79
N LEU C 24 2.85 -4.57 -7.65
CA LEU C 24 2.74 -4.85 -9.08
C LEU C 24 2.51 -6.34 -9.31
N LYS C 25 3.23 -7.17 -8.56
CA LYS C 25 3.03 -8.61 -8.62
C LYS C 25 1.63 -9.05 -8.24
N SER C 26 1.06 -8.47 -7.18
CA SER C 26 -0.29 -8.85 -6.72
C SER C 26 -1.36 -8.53 -7.77
N ALA C 27 -1.19 -7.38 -8.43
CA ALA C 27 -2.11 -6.92 -9.45
C ALA C 27 -2.12 -7.85 -10.69
N CYS C 28 -1.07 -8.64 -10.87
CA CYS C 28 -0.90 -9.57 -12.01
C CYS C 28 -1.40 -10.99 -11.75
N LYS C 29 -1.51 -11.36 -10.48
CA LYS C 29 -1.68 -12.76 -10.08
C LYS C 29 -2.94 -13.45 -10.59
N GLU C 30 -4.04 -12.73 -10.69
CA GLU C 30 -5.25 -13.32 -11.23
C GLU C 30 -5.13 -13.58 -12.75
N ASP C 31 -4.40 -12.72 -13.46
CA ASP C 31 -4.23 -12.84 -14.90
C ASP C 31 -3.21 -13.87 -15.35
N ILE C 32 -2.17 -14.08 -14.53
CA ILE C 32 -1.09 -15.02 -14.82
C ILE C 32 -0.84 -15.88 -13.57
N PRO C 33 -1.63 -16.97 -13.39
CA PRO C 33 -1.64 -17.77 -12.15
C PRO C 33 -0.30 -18.34 -11.67
N SER C 34 0.63 -18.58 -12.58
CA SER C 34 1.95 -19.10 -12.20
C SER C 34 2.83 -18.08 -11.46
N GLU C 35 2.34 -16.86 -11.29
CA GLU C 35 3.16 -15.81 -10.72
C GLU C 35 3.71 -16.13 -9.34
N LYS C 36 2.84 -16.57 -8.43
CA LYS C 36 3.25 -16.94 -7.07
C LYS C 36 4.48 -17.87 -7.10
N SER C 37 4.32 -19.02 -7.77
CA SER C 37 5.36 -20.05 -7.83
C SER C 37 6.64 -19.63 -8.56
N GLU C 38 6.58 -18.58 -9.37
CA GLU C 38 7.79 -17.95 -9.89
C GLU C 38 8.36 -17.03 -8.81
N GLU C 39 9.69 -16.98 -8.69
CA GLU C 39 10.29 -16.27 -7.54
C GLU C 39 10.80 -14.86 -7.87
N ILE C 40 9.95 -14.06 -8.49
CA ILE C 40 10.27 -12.69 -8.95
C ILE C 40 10.73 -11.70 -7.84
N THR C 41 12.01 -11.35 -7.86
CA THR C 41 12.61 -10.46 -6.83
C THR C 41 13.03 -9.11 -7.38
N THR C 42 13.13 -9.00 -8.70
CA THR C 42 13.53 -7.74 -9.31
C THR C 42 12.46 -7.24 -10.29
N GLY C 43 12.56 -5.95 -10.59
CA GLY C 43 11.73 -5.32 -11.61
C GLY C 43 12.05 -5.95 -12.95
N SER C 44 13.32 -6.19 -13.23
CA SER C 44 13.69 -6.77 -14.51
C SER C 44 13.19 -8.23 -14.62
N ALA C 45 13.10 -8.93 -13.49
CA ALA C 45 12.54 -10.28 -13.47
C ALA C 45 11.03 -10.24 -13.73
N TRP C 46 10.36 -9.20 -13.23
CA TRP C 46 8.92 -9.04 -13.47
C TRP C 46 8.66 -8.79 -14.93
N PHE C 47 9.43 -7.90 -15.54
CA PHE C 47 9.23 -7.62 -16.95
C PHE C 47 9.52 -8.87 -17.80
N SER C 48 10.50 -9.68 -17.38
CA SER C 48 10.82 -10.89 -18.13
C SER C 48 9.69 -11.89 -18.03
N PHE C 49 9.09 -11.97 -16.84
CA PHE C 49 7.95 -12.83 -16.58
C PHE C 49 6.74 -12.42 -17.45
N LEU C 50 6.48 -11.11 -17.54
CA LEU C 50 5.45 -10.59 -18.45
C LEU C 50 5.71 -10.90 -19.93
N GLU C 51 6.93 -10.64 -20.41
CA GLU C 51 7.32 -10.99 -21.78
C GLU C 51 7.06 -12.47 -22.09
N SER C 52 7.47 -13.37 -21.18
CA SER C 52 7.36 -14.82 -21.43
C SER C 52 5.93 -15.30 -21.44
N HIS C 53 5.02 -14.50 -20.90
CA HIS C 53 3.59 -14.80 -20.89
C HIS C 53 2.80 -13.92 -21.89
N ASN C 54 3.52 -13.31 -22.82
CA ASN C 54 2.93 -12.59 -23.97
C ASN C 54 2.14 -11.35 -23.54
N LYS C 55 2.56 -10.74 -22.44
CA LYS C 55 1.85 -9.59 -21.89
C LYS C 55 2.64 -8.28 -22.05
N LEU C 56 3.83 -8.39 -22.63
CA LEU C 56 4.72 -7.24 -22.80
C LEU C 56 5.76 -7.49 -23.87
N ASP C 57 5.93 -6.50 -24.74
CA ASP C 57 7.11 -6.38 -25.59
C ASP C 57 7.22 -4.95 -26.06
N LYS C 58 8.20 -4.68 -26.93
CA LYS C 58 8.47 -3.27 -27.34
C LYS C 58 7.26 -2.59 -27.99
N ASP C 59 6.36 -3.39 -28.57
CA ASP C 59 5.19 -2.86 -29.24
C ASP C 59 3.88 -3.24 -28.52
N ASN C 60 3.98 -3.76 -27.30
CA ASN C 60 2.83 -4.21 -26.54
C ASN C 60 2.91 -3.70 -25.10
N LEU C 61 2.45 -2.48 -24.92
CA LEU C 61 2.60 -1.77 -23.64
C LEU C 61 1.33 -1.71 -22.84
N SER C 62 0.21 -2.18 -23.39
CA SER C 62 -1.04 -1.84 -22.72
C SER C 62 -1.26 -2.52 -21.36
N TYR C 63 -0.71 -3.71 -21.16
CA TYR C 63 -0.85 -4.35 -19.88
C TYR C 63 -0.06 -3.67 -18.78
N ILE C 64 1.21 -3.30 -19.02
CA ILE C 64 1.92 -2.57 -17.94
C ILE C 64 1.26 -1.19 -17.70
N GLU C 65 0.74 -0.57 -18.76
CA GLU C 65 -0.02 0.67 -18.57
C GLU C 65 -1.24 0.44 -17.67
N HIS C 66 -1.96 -0.66 -17.94
CA HIS C 66 -3.09 -1.08 -17.09
C HIS C 66 -2.65 -1.27 -15.64
N ILE C 67 -1.61 -2.08 -15.44
CA ILE C 67 -1.10 -2.34 -14.08
C ILE C 67 -0.62 -1.07 -13.36
N PHE C 68 0.06 -0.17 -14.07
CA PHE C 68 0.48 1.10 -13.49
C PHE C 68 -0.70 2.00 -13.08
N GLU C 69 -1.77 1.96 -13.89
CA GLU C 69 -2.99 2.71 -13.58
C GLU C 69 -3.62 2.17 -12.32
N ILE C 70 -3.88 0.85 -12.29
CA ILE C 70 -4.55 0.29 -11.11
C ILE C 70 -3.70 0.35 -9.83
N SER C 71 -2.38 0.31 -10.00
CA SER C 71 -1.43 0.49 -8.89
C SER C 71 -1.24 1.97 -8.48
N ARG C 72 -1.94 2.88 -9.14
CA ARG C 72 -1.77 4.34 -8.95
C ARG C 72 -0.31 4.84 -9.02
N ARG C 73 0.34 4.50 -10.13
CA ARG C 73 1.70 4.95 -10.41
C ARG C 73 1.77 5.77 -11.70
N PRO C 74 1.17 6.98 -11.71
CA PRO C 74 1.24 7.85 -12.87
C PRO C 74 2.67 8.23 -13.26
N ASP C 75 3.59 8.15 -12.30
CA ASP C 75 5.02 8.44 -12.60
C ASP C 75 5.59 7.37 -13.53
N LEU C 76 5.25 6.10 -13.31
CA LEU C 76 5.71 5.04 -14.20
C LEU C 76 4.92 5.07 -15.49
N LEU C 77 3.61 5.29 -15.38
CA LEU C 77 2.77 5.41 -16.55
C LEU C 77 3.28 6.46 -17.55
N THR C 78 3.69 7.63 -17.06
CA THR C 78 4.15 8.70 -17.90
C THR C 78 5.45 8.36 -18.67
N MET C 79 6.30 7.52 -18.09
CA MET C 79 7.51 7.06 -18.82
C MET C 79 7.11 6.18 -20.01
N VAL C 80 6.06 5.36 -19.82
CA VAL C 80 5.55 4.50 -20.91
C VAL C 80 4.89 5.32 -22.02
N VAL C 81 4.09 6.31 -21.62
CA VAL C 81 3.36 7.10 -22.61
C VAL C 81 4.38 7.93 -23.39
N ASP C 82 5.40 8.42 -22.70
CA ASP C 82 6.46 9.16 -23.38
C ASP C 82 7.30 8.29 -24.34
N TYR C 83 7.52 7.04 -23.96
CA TYR C 83 8.23 6.10 -24.81
C TYR C 83 7.40 5.88 -26.09
N ARG C 84 6.08 5.69 -25.95
CA ARG C 84 5.20 5.48 -27.11
C ARG C 84 5.26 6.67 -28.07
N THR C 85 5.25 7.87 -27.51
CA THR C 85 5.35 9.11 -28.30
C THR C 85 6.65 9.19 -29.08
N ARG C 86 7.74 8.86 -28.40
CA ARG C 86 9.07 8.81 -28.99
C ARG C 86 9.15 7.83 -30.16
N VAL C 87 8.69 6.61 -29.93
CA VAL C 87 8.69 5.56 -30.94
C VAL C 87 7.89 5.98 -32.17
N LEU C 88 6.75 6.63 -31.94
CA LEU C 88 5.93 7.11 -33.04
C LEU C 88 6.69 8.19 -33.84
N LYS C 89 7.30 9.14 -33.12
CA LYS C 89 8.14 10.17 -33.78
C LYS C 89 9.34 9.62 -34.59
N ILE C 90 10.07 8.66 -34.02
CA ILE C 90 11.12 7.94 -34.76
C ILE C 90 10.58 7.36 -36.08
N SER C 91 9.41 6.73 -36.03
CA SER C 91 8.79 6.17 -37.25
C SER C 91 8.47 7.20 -38.33
N GLU C 92 8.35 8.46 -37.95
CA GLU C 92 8.09 9.51 -38.92
C GLU C 92 9.31 9.81 -39.81
N GLU C 93 10.49 9.32 -39.40
CA GLU C 93 11.72 9.42 -40.21
C GLU C 93 11.72 8.48 -41.42
N ASP C 94 11.07 7.32 -41.31
CA ASP C 94 11.21 6.29 -42.35
C ASP C 94 9.97 6.07 -43.23
N GLU C 95 9.12 7.10 -43.31
CA GLU C 95 7.88 7.04 -44.09
C GLU C 95 7.92 7.90 -45.36
#